data_6YTW
#
_entry.id   6YTW
#
_cell.length_a   96.057
_cell.length_b   131.599
_cell.length_c   83.598
_cell.angle_alpha   90.000
_cell.angle_beta   107.980
_cell.angle_gamma   90.000
#
_symmetry.space_group_name_H-M   'C 1 2 1'
#
loop_
_entity.id
_entity.type
_entity.pdbx_description
1 polymer 'Dual specificity protein kinase CLK3'
2 non-polymer 1,2-ETHANEDIOL
3 non-polymer 'CHLORIDE ION'
4 non-polymer 'PHOSPHATE ION'
5 non-polymer (1~{Z})-1-(3-ethyl-5-methoxy-1,3-benzothiazol-2-ylidene)propan-2-one
6 non-polymer GLYCEROL
7 water water
#
_entity_poly.entity_id   1
_entity_poly.type   'polypeptide(L)'
_entity_poly.pdbx_seq_one_letter_code
;SMQSSKRSSRSVEDDKEGHLVCRIGDWLQERYEIVGNLGEGTFGKVVECLDHARGKSQVALKIIRNVGKYREAARLEINV
LKKIKEKDKENKFLCVLMSDWFNFHGHMCIAFELLGKNTFEFLKENNFQPYPLPHVRHMAYQLCHALRFLHENQLTHTDL
KPENILFVNSEFETLYNEHKSCEEKSVKNTSIRVADFGSATFDHEHHTTIVATRHYRPPEVILELGWAQPCDVWSIGCIL
FEYYRGFTLFQTHENREHLVMMEKILGPIPSHMIHRTRKQKYFYKGGLVWDENSSDGRYVKENCKPLKSYMLQDSLEHVQ
LFDLMRRMLEFDPAQRITLAEALLHPFFAGLTPEERSFHT
;
_entity_poly.pdbx_strand_id   A,B
#
loop_
_chem_comp.id
_chem_comp.type
_chem_comp.name
_chem_comp.formula
CL non-polymer 'CHLORIDE ION' 'Cl -1'
EAE non-polymer (1~{Z})-1-(3-ethyl-5-methoxy-1,3-benzothiazol-2-ylidene)propan-2-one 'C13 H15 N O2 S'
EDO non-polymer 1,2-ETHANEDIOL 'C2 H6 O2'
GOL non-polymer GLYCEROL 'C3 H8 O3'
PO4 non-polymer 'PHOSPHATE ION' 'O4 P -3'
#
# COMPACT_ATOMS: atom_id res chain seq x y z
N SER A 1 -35.26 -20.31 19.49
CA SER A 1 -36.67 -20.86 19.46
C SER A 1 -37.45 -20.16 18.32
N MET A 2 -38.57 -20.73 17.86
CA MET A 2 -39.28 -20.27 16.62
C MET A 2 -39.93 -18.89 16.85
N GLN A 3 -39.68 -17.94 15.94
CA GLN A 3 -40.27 -16.56 15.86
C GLN A 3 -40.96 -16.41 14.48
N SER A 4 -41.85 -15.41 14.28
CA SER A 4 -42.46 -15.05 12.97
C SER A 4 -41.48 -14.19 12.13
N SER A 5 -41.52 -14.29 10.80
CA SER A 5 -40.52 -13.71 9.87
C SER A 5 -40.69 -12.19 9.71
N LYS A 6 -41.95 -11.73 9.60
CA LYS A 6 -42.29 -10.29 9.37
C LYS A 6 -41.84 -9.55 10.62
N ARG A 7 -42.41 -9.94 11.76
CA ARG A 7 -42.04 -9.42 13.11
C ARG A 7 -40.50 -9.46 13.29
N SER A 8 -39.84 -10.64 13.23
CA SER A 8 -38.39 -10.78 13.57
C SER A 8 -37.55 -9.85 12.69
N SER A 9 -37.92 -9.74 11.39
CA SER A 9 -37.13 -9.07 10.32
C SER A 9 -37.15 -7.55 10.57
N ARG A 10 -38.23 -7.02 11.15
CA ARG A 10 -38.35 -5.55 11.42
C ARG A 10 -37.82 -5.20 12.82
N SER A 11 -37.80 -6.15 13.78
CA SER A 11 -37.27 -5.93 15.17
C SER A 11 -35.72 -5.96 15.19
N VAL A 12 -35.02 -4.81 15.11
CA VAL A 12 -33.55 -4.74 14.83
C VAL A 12 -32.80 -3.66 15.63
N GLU A 13 -31.61 -3.97 16.16
CA GLU A 13 -30.70 -3.03 16.87
C GLU A 13 -29.26 -3.57 16.80
N ASP A 14 -28.28 -2.68 16.91
CA ASP A 14 -26.85 -2.98 16.95
C ASP A 14 -26.35 -2.83 18.37
N ASP A 15 -25.25 -3.46 18.70
CA ASP A 15 -24.50 -3.24 19.96
C ASP A 15 -23.41 -2.16 19.73
N LYS A 16 -22.56 -1.92 20.73
CA LYS A 16 -21.60 -0.79 20.76
C LYS A 16 -20.47 -1.04 19.74
N GLU A 17 -20.25 -2.29 19.34
CA GLU A 17 -19.26 -2.70 18.31
C GLU A 17 -19.85 -2.58 16.88
N GLY A 18 -21.12 -2.18 16.71
CA GLY A 18 -21.80 -2.18 15.41
C GLY A 18 -22.10 -3.57 14.88
N HIS A 19 -21.99 -4.64 15.69
CA HIS A 19 -22.63 -5.95 15.40
C HIS A 19 -24.16 -5.83 15.47
N LEU A 20 -24.85 -6.58 14.62
CA LEU A 20 -26.31 -6.74 14.70
C LEU A 20 -26.60 -7.58 15.93
N VAL A 21 -27.42 -7.10 16.84
CA VAL A 21 -27.81 -7.91 18.03
C VAL A 21 -28.82 -8.92 17.50
N CYS A 22 -28.44 -10.21 17.52
CA CYS A 22 -29.29 -11.32 17.02
C CYS A 22 -28.99 -12.66 17.72
N ARG A 23 -29.92 -13.57 17.57
CA ARG A 23 -29.74 -14.96 18.04
C ARG A 23 -30.59 -15.92 17.19
N ILE A 24 -30.31 -17.21 17.40
CA ILE A 24 -31.00 -18.36 16.76
C ILE A 24 -32.49 -18.07 16.77
N GLY A 25 -33.15 -18.20 15.61
CA GLY A 25 -34.59 -17.97 15.47
C GLY A 25 -34.89 -16.62 14.86
N ASP A 26 -33.95 -15.66 14.89
CA ASP A 26 -34.16 -14.35 14.23
C ASP A 26 -34.20 -14.55 12.71
N TRP A 27 -34.85 -13.63 12.02
CA TRP A 27 -35.02 -13.63 10.55
C TRP A 27 -34.43 -12.38 9.90
N LEU A 28 -34.01 -12.50 8.64
CA LEU A 28 -33.65 -11.36 7.77
C LEU A 28 -34.41 -11.50 6.45
N GLN A 29 -34.88 -10.37 5.92
CA GLN A 29 -35.52 -10.25 4.57
C GLN A 29 -36.81 -11.08 4.53
N GLU A 30 -37.38 -11.43 5.67
CA GLU A 30 -38.57 -12.33 5.71
C GLU A 30 -38.24 -13.57 4.87
N ARG A 31 -37.00 -14.05 4.96
CA ARG A 31 -36.46 -15.12 4.07
C ARG A 31 -35.49 -16.04 4.84
N TYR A 32 -34.49 -15.46 5.50
CA TYR A 32 -33.41 -16.19 6.19
C TYR A 32 -33.72 -16.33 7.67
N GLU A 33 -33.80 -17.57 8.12
CA GLU A 33 -34.02 -17.98 9.53
C GLU A 33 -32.73 -18.48 10.13
N ILE A 34 -32.23 -17.78 11.15
CA ILE A 34 -30.92 -18.13 11.77
C ILE A 34 -31.10 -19.44 12.56
N VAL A 35 -30.38 -20.51 12.19
CA VAL A 35 -30.42 -21.79 12.98
C VAL A 35 -29.06 -22.11 13.62
N GLY A 36 -28.00 -21.35 13.35
CA GLY A 36 -26.72 -21.60 14.04
C GLY A 36 -25.64 -20.56 13.76
N ASN A 37 -24.51 -20.69 14.46
CA ASN A 37 -23.30 -19.84 14.34
C ASN A 37 -22.19 -20.65 13.67
N LEU A 38 -21.50 -20.05 12.70
CA LEU A 38 -20.51 -20.79 11.88
C LEU A 38 -19.12 -20.25 12.20
N GLY A 39 -19.04 -19.04 12.72
CA GLY A 39 -17.80 -18.27 12.81
C GLY A 39 -18.07 -16.80 12.95
N GLU A 40 -17.04 -16.04 13.29
CA GLU A 40 -17.16 -14.66 13.79
C GLU A 40 -15.78 -14.01 13.69
N GLY A 41 -15.70 -12.68 13.85
CA GLY A 41 -14.39 -12.03 13.68
C GLY A 41 -14.55 -10.55 13.66
N THR A 42 -13.48 -9.84 13.28
CA THR A 42 -13.47 -8.37 13.36
C THR A 42 -14.46 -7.82 12.35
N PHE A 43 -14.73 -8.58 11.28
CA PHE A 43 -15.57 -8.14 10.13
C PHE A 43 -17.06 -8.11 10.50
N GLY A 44 -17.46 -9.01 11.40
CA GLY A 44 -18.89 -9.33 11.64
C GLY A 44 -19.02 -10.79 12.06
N LYS A 45 -20.16 -11.42 11.77
N LYS A 45 -20.11 -11.44 11.68
CA LYS A 45 -20.45 -12.83 12.14
CA LYS A 45 -20.47 -12.81 12.12
C LYS A 45 -20.94 -13.58 10.90
C LYS A 45 -20.98 -13.58 10.91
N VAL A 46 -20.74 -14.89 10.90
CA VAL A 46 -21.29 -15.80 9.87
C VAL A 46 -22.27 -16.73 10.60
N VAL A 47 -23.53 -16.74 10.21
CA VAL A 47 -24.59 -17.55 10.87
C VAL A 47 -25.10 -18.54 9.83
N GLU A 48 -25.41 -19.76 10.25
CA GLU A 48 -26.15 -20.66 9.36
C GLU A 48 -27.63 -20.27 9.36
N CYS A 49 -28.25 -20.22 8.18
CA CYS A 49 -29.68 -19.91 7.99
C CYS A 49 -30.33 -21.00 7.15
N LEU A 50 -31.62 -21.17 7.35
CA LEU A 50 -32.51 -21.79 6.33
C LEU A 50 -33.04 -20.68 5.44
N ASP A 51 -33.04 -20.92 4.13
CA ASP A 51 -33.56 -20.01 3.08
C ASP A 51 -34.95 -20.46 2.65
N HIS A 52 -35.96 -19.80 3.23
CA HIS A 52 -37.41 -20.12 3.10
C HIS A 52 -37.93 -19.71 1.71
N ALA A 53 -37.19 -18.95 0.91
CA ALA A 53 -37.61 -18.74 -0.49
C ALA A 53 -37.06 -19.87 -1.38
N ARG A 54 -36.29 -20.82 -0.82
CA ARG A 54 -35.59 -21.89 -1.59
C ARG A 54 -35.68 -23.22 -0.84
N GLY A 55 -36.89 -23.64 -0.51
CA GLY A 55 -37.18 -24.90 0.21
C GLY A 55 -36.39 -25.07 1.49
N LYS A 56 -36.06 -23.98 2.20
CA LYS A 56 -35.35 -24.09 3.51
C LYS A 56 -33.98 -24.76 3.33
N SER A 57 -33.34 -24.61 2.17
CA SER A 57 -31.91 -24.98 1.98
C SER A 57 -31.03 -24.21 2.96
N GLN A 58 -29.89 -24.81 3.32
CA GLN A 58 -28.94 -24.21 4.25
C GLN A 58 -28.04 -23.20 3.52
N VAL A 59 -27.77 -22.08 4.18
CA VAL A 59 -26.80 -21.07 3.73
C VAL A 59 -25.93 -20.66 4.90
N ALA A 60 -24.71 -20.22 4.56
CA ALA A 60 -23.78 -19.45 5.41
C ALA A 60 -24.03 -17.98 5.09
N LEU A 61 -24.59 -17.22 6.03
CA LEU A 61 -24.93 -15.79 5.84
C LEU A 61 -23.87 -15.03 6.61
N LYS A 62 -23.03 -14.30 5.88
CA LYS A 62 -22.04 -13.37 6.48
C LYS A 62 -22.71 -12.04 6.76
N ILE A 63 -22.72 -11.61 8.01
CA ILE A 63 -23.36 -10.34 8.45
C ILE A 63 -22.23 -9.43 8.93
N ILE A 64 -21.96 -8.36 8.18
CA ILE A 64 -20.80 -7.43 8.41
C ILE A 64 -21.25 -6.38 9.39
N ARG A 65 -20.34 -6.00 10.27
CA ARG A 65 -20.56 -4.91 11.24
C ARG A 65 -20.95 -3.61 10.51
N ASN A 66 -21.77 -2.80 11.16
CA ASN A 66 -22.12 -1.39 10.83
C ASN A 66 -20.93 -0.47 11.09
N VAL A 67 -19.80 -0.77 10.45
CA VAL A 67 -18.51 -0.05 10.53
C VAL A 67 -17.99 0.14 9.10
N GLY A 68 -17.76 1.40 8.72
CA GLY A 68 -17.39 1.86 7.36
C GLY A 68 -16.34 0.98 6.69
N LYS A 69 -15.20 0.74 7.33
CA LYS A 69 -14.11 0.02 6.65
C LYS A 69 -14.52 -1.44 6.39
N TYR A 70 -15.30 -2.05 7.29
CA TYR A 70 -15.79 -3.44 7.04
C TYR A 70 -16.90 -3.41 5.99
N ARG A 71 -17.80 -2.44 6.03
CA ARG A 71 -18.82 -2.23 4.97
C ARG A 71 -18.14 -2.14 3.61
N GLU A 72 -17.06 -1.37 3.51
CA GLU A 72 -16.44 -1.10 2.18
C GLU A 72 -15.68 -2.34 1.71
N ALA A 73 -14.97 -3.02 2.60
CA ALA A 73 -14.29 -4.27 2.24
C ALA A 73 -15.34 -5.30 1.73
N ALA A 74 -16.53 -5.37 2.33
CA ALA A 74 -17.59 -6.31 1.89
C ALA A 74 -18.13 -5.89 0.52
N ARG A 75 -18.32 -4.60 0.30
CA ARG A 75 -18.82 -4.09 -1.00
C ARG A 75 -17.84 -4.54 -2.10
N LEU A 76 -16.54 -4.56 -1.82
CA LEU A 76 -15.54 -4.93 -2.84
C LEU A 76 -15.64 -6.44 -3.09
N GLU A 77 -15.66 -7.24 -2.02
CA GLU A 77 -15.85 -8.71 -2.06
C GLU A 77 -17.06 -9.02 -2.96
N ILE A 78 -18.15 -8.25 -2.77
CA ILE A 78 -19.41 -8.49 -3.50
C ILE A 78 -19.17 -8.20 -4.97
N ASN A 79 -18.44 -7.13 -5.31
CA ASN A 79 -18.18 -6.75 -6.73
C ASN A 79 -17.29 -7.80 -7.40
N VAL A 80 -16.32 -8.38 -6.69
CA VAL A 80 -15.47 -9.51 -7.21
C VAL A 80 -16.36 -10.75 -7.44
N LEU A 81 -17.12 -11.13 -6.42
CA LEU A 81 -18.07 -12.26 -6.51
C LEU A 81 -19.04 -12.07 -7.69
N LYS A 82 -19.57 -10.87 -7.95
CA LYS A 82 -20.43 -10.66 -9.14
C LYS A 82 -19.64 -10.89 -10.43
N LYS A 83 -18.40 -10.43 -10.50
CA LYS A 83 -17.63 -10.52 -11.76
C LYS A 83 -17.30 -11.99 -12.01
N ILE A 84 -16.91 -12.74 -10.98
CA ILE A 84 -16.63 -14.19 -11.12
C ILE A 84 -17.92 -14.89 -11.60
N LYS A 85 -19.04 -14.65 -10.93
CA LYS A 85 -20.33 -15.29 -11.32
C LYS A 85 -20.66 -15.02 -12.79
N GLU A 86 -20.46 -13.80 -13.27
CA GLU A 86 -20.84 -13.40 -14.66
C GLU A 86 -19.92 -14.07 -15.70
N LYS A 87 -18.71 -14.45 -15.30
CA LYS A 87 -17.74 -15.17 -16.16
C LYS A 87 -18.02 -16.68 -16.13
N ASP A 88 -18.61 -17.19 -15.06
CA ASP A 88 -18.90 -18.62 -14.83
C ASP A 88 -20.40 -18.77 -14.60
N LYS A 89 -21.18 -18.43 -15.63
CA LYS A 89 -22.67 -18.46 -15.63
C LYS A 89 -23.17 -19.62 -14.74
N GLU A 90 -22.62 -20.83 -14.96
CA GLU A 90 -23.18 -22.14 -14.52
C GLU A 90 -22.24 -22.83 -13.51
N ASN A 91 -21.17 -22.18 -13.05
CA ASN A 91 -20.46 -22.61 -11.81
C ASN A 91 -19.60 -23.88 -12.09
N LYS A 92 -19.06 -24.04 -13.29
CA LYS A 92 -18.16 -25.16 -13.61
C LYS A 92 -16.80 -24.97 -12.93
N PHE A 93 -16.44 -23.82 -12.32
CA PHE A 93 -15.01 -23.60 -11.92
C PHE A 93 -14.84 -23.55 -10.40
N LEU A 94 -15.76 -24.16 -9.63
CA LEU A 94 -15.51 -24.64 -8.24
C LEU A 94 -15.23 -23.50 -7.25
N CYS A 95 -15.79 -22.34 -7.50
CA CYS A 95 -15.70 -21.22 -6.53
C CYS A 95 -16.98 -21.21 -5.70
N VAL A 96 -16.85 -20.95 -4.41
CA VAL A 96 -17.99 -20.61 -3.52
C VAL A 96 -18.38 -19.17 -3.88
N LEU A 97 -19.32 -19.01 -4.82
CA LEU A 97 -19.99 -17.70 -5.16
C LEU A 97 -21.31 -17.46 -4.37
N MET A 98 -21.73 -16.20 -4.30
CA MET A 98 -22.92 -15.78 -3.55
C MET A 98 -24.18 -16.40 -4.16
N SER A 99 -25.15 -16.73 -3.31
CA SER A 99 -26.56 -16.98 -3.71
C SER A 99 -27.35 -15.66 -3.53
N ASP A 100 -26.88 -14.75 -2.71
CA ASP A 100 -27.58 -13.46 -2.47
C ASP A 100 -26.65 -12.49 -1.71
N TRP A 101 -26.99 -11.22 -1.79
CA TRP A 101 -26.42 -10.18 -0.92
C TRP A 101 -27.45 -9.06 -0.82
N PHE A 102 -27.44 -8.37 0.31
CA PHE A 102 -28.39 -7.28 0.57
C PHE A 102 -27.76 -6.43 1.68
N ASN A 103 -28.29 -5.21 1.85
CA ASN A 103 -27.93 -4.26 2.96
C ASN A 103 -29.08 -4.35 3.97
N PHE A 104 -28.80 -4.94 5.12
CA PHE A 104 -29.78 -5.10 6.23
C PHE A 104 -29.44 -4.04 7.28
N HIS A 105 -30.00 -2.84 7.09
CA HIS A 105 -29.89 -1.73 8.07
C HIS A 105 -28.43 -1.37 8.28
N GLY A 106 -27.63 -1.23 7.22
CA GLY A 106 -26.22 -0.83 7.29
C GLY A 106 -25.31 -2.03 7.35
N HIS A 107 -25.88 -3.20 7.65
CA HIS A 107 -25.14 -4.48 7.62
C HIS A 107 -25.10 -4.98 6.18
N MET A 108 -23.92 -5.05 5.55
CA MET A 108 -23.77 -5.85 4.33
C MET A 108 -23.94 -7.32 4.72
N CYS A 109 -24.74 -8.04 3.97
CA CYS A 109 -24.99 -9.48 4.20
C CYS A 109 -24.72 -10.23 2.91
N ILE A 110 -23.94 -11.32 3.01
CA ILE A 110 -23.63 -12.15 1.81
C ILE A 110 -24.00 -13.60 2.12
N ALA A 111 -24.91 -14.16 1.35
CA ALA A 111 -25.33 -15.57 1.47
C ALA A 111 -24.46 -16.42 0.53
N PHE A 112 -24.01 -17.55 1.06
CA PHE A 112 -23.34 -18.66 0.33
C PHE A 112 -24.05 -19.98 0.55
N GLU A 113 -23.99 -20.88 -0.43
CA GLU A 113 -24.42 -22.29 -0.24
C GLU A 113 -23.57 -22.87 0.89
N LEU A 114 -24.20 -23.57 1.84
CA LEU A 114 -23.46 -24.14 2.98
C LEU A 114 -22.72 -25.41 2.48
N LEU A 115 -21.42 -25.46 2.67
CA LEU A 115 -20.55 -26.60 2.28
C LEU A 115 -20.09 -27.31 3.57
N GLY A 116 -19.09 -28.18 3.52
CA GLY A 116 -18.56 -28.87 4.72
C GLY A 116 -17.33 -28.18 5.33
N LYS A 117 -16.56 -28.96 6.08
CA LYS A 117 -15.35 -28.49 6.79
C LYS A 117 -14.30 -28.07 5.77
N ASN A 118 -13.51 -27.10 6.17
CA ASN A 118 -12.38 -26.67 5.35
C ASN A 118 -11.28 -27.73 5.53
N THR A 119 -10.30 -27.71 4.64
CA THR A 119 -9.28 -28.77 4.52
C THR A 119 -8.34 -28.70 5.70
N PHE A 120 -8.27 -27.55 6.38
CA PHE A 120 -7.46 -27.45 7.61
C PHE A 120 -8.16 -28.15 8.76
N GLU A 121 -9.45 -27.85 8.95
N GLU A 121 -9.43 -27.84 9.01
CA GLU A 121 -10.27 -28.32 10.09
CA GLU A 121 -10.17 -28.41 10.18
C GLU A 121 -10.43 -29.85 10.01
C GLU A 121 -10.24 -29.94 10.00
N PHE A 122 -10.55 -30.41 8.79
CA PHE A 122 -10.59 -31.87 8.55
C PHE A 122 -9.27 -32.52 8.97
N LEU A 123 -8.16 -31.92 8.54
CA LEU A 123 -6.81 -32.38 8.90
C LEU A 123 -6.62 -32.33 10.42
N LYS A 124 -6.97 -31.20 11.05
CA LYS A 124 -6.86 -31.05 12.52
C LYS A 124 -7.68 -32.17 13.19
N GLU A 125 -8.87 -32.47 12.66
CA GLU A 125 -9.84 -33.46 13.27
C GLU A 125 -9.28 -34.87 13.10
N ASN A 126 -8.32 -35.05 12.20
CA ASN A 126 -7.61 -36.31 11.91
C ASN A 126 -6.27 -36.29 12.67
N ASN A 127 -6.09 -35.44 13.67
CA ASN A 127 -4.79 -35.39 14.39
C ASN A 127 -3.63 -35.05 13.43
N PHE A 128 -3.89 -34.28 12.36
CA PHE A 128 -2.87 -33.81 11.39
C PHE A 128 -2.22 -35.01 10.70
N GLN A 129 -2.88 -36.18 10.73
CA GLN A 129 -2.52 -37.31 9.83
C GLN A 129 -2.83 -36.87 8.40
N PRO A 130 -1.85 -36.90 7.52
CA PRO A 130 -2.03 -36.31 6.20
C PRO A 130 -3.07 -37.03 5.33
N TYR A 131 -3.49 -36.35 4.27
CA TYR A 131 -4.32 -36.93 3.19
C TYR A 131 -3.51 -37.93 2.37
N PRO A 132 -4.15 -39.06 2.02
CA PRO A 132 -3.48 -40.06 1.18
C PRO A 132 -3.20 -39.42 -0.17
N LEU A 133 -2.21 -39.92 -0.90
CA LEU A 133 -1.79 -39.31 -2.19
C LEU A 133 -2.97 -39.22 -3.17
N PRO A 134 -3.83 -40.25 -3.34
CA PRO A 134 -4.96 -40.10 -4.24
C PRO A 134 -5.83 -38.85 -3.94
N HIS A 135 -6.05 -38.53 -2.66
CA HIS A 135 -6.88 -37.36 -2.24
C HIS A 135 -6.11 -36.07 -2.55
N VAL A 136 -4.84 -36.04 -2.21
CA VAL A 136 -3.95 -34.91 -2.53
C VAL A 136 -4.05 -34.68 -4.03
N ARG A 137 -3.96 -35.73 -4.85
CA ARG A 137 -3.98 -35.64 -6.33
C ARG A 137 -5.31 -35.00 -6.76
N HIS A 138 -6.45 -35.53 -6.32
CA HIS A 138 -7.77 -35.03 -6.75
C HIS A 138 -7.88 -33.56 -6.33
N MET A 139 -7.50 -33.26 -5.08
CA MET A 139 -7.62 -31.90 -4.52
C MET A 139 -6.72 -30.95 -5.31
N ALA A 140 -5.51 -31.41 -5.64
CA ALA A 140 -4.55 -30.65 -6.44
C ALA A 140 -5.18 -30.30 -7.78
N TYR A 141 -5.79 -31.29 -8.40
CA TYR A 141 -6.38 -31.14 -9.75
C TYR A 141 -7.46 -30.04 -9.70
N GLN A 142 -8.33 -30.09 -8.69
CA GLN A 142 -9.47 -29.16 -8.54
C GLN A 142 -8.97 -27.72 -8.30
N LEU A 143 -7.95 -27.52 -7.46
CA LEU A 143 -7.32 -26.20 -7.22
C LEU A 143 -6.77 -25.67 -8.52
N CYS A 144 -6.02 -26.49 -9.28
CA CYS A 144 -5.44 -26.08 -10.57
C CYS A 144 -6.57 -25.63 -11.50
N HIS A 145 -7.66 -26.38 -11.52
CA HIS A 145 -8.79 -26.16 -12.45
C HIS A 145 -9.51 -24.83 -12.11
N ALA A 146 -9.78 -24.65 -10.83
CA ALA A 146 -10.50 -23.47 -10.28
C ALA A 146 -9.68 -22.20 -10.54
N LEU A 147 -8.42 -22.20 -10.12
CA LEU A 147 -7.58 -20.99 -10.20
C LEU A 147 -7.17 -20.71 -11.64
N ARG A 148 -7.03 -21.74 -12.48
N ARG A 148 -7.04 -21.74 -12.49
CA ARG A 148 -6.67 -21.55 -13.89
CA ARG A 148 -6.66 -21.54 -13.90
C ARG A 148 -7.72 -20.65 -14.55
C ARG A 148 -7.73 -20.66 -14.57
N PHE A 149 -8.98 -20.97 -14.30
CA PHE A 149 -10.12 -20.18 -14.79
C PHE A 149 -9.97 -18.70 -14.35
N LEU A 150 -9.80 -18.45 -13.06
CA LEU A 150 -9.60 -17.06 -12.52
C LEU A 150 -8.40 -16.40 -13.19
N HIS A 151 -7.29 -17.13 -13.27
CA HIS A 151 -6.01 -16.61 -13.83
C HIS A 151 -6.24 -16.17 -15.27
N GLU A 152 -6.97 -16.95 -16.07
CA GLU A 152 -7.13 -16.62 -17.52
C GLU A 152 -8.25 -15.59 -17.68
N ASN A 153 -8.90 -15.21 -16.58
CA ASN A 153 -9.82 -14.03 -16.50
C ASN A 153 -9.17 -12.88 -15.69
N GLN A 154 -7.84 -12.76 -15.71
CA GLN A 154 -7.06 -11.57 -15.26
C GLN A 154 -7.32 -11.37 -13.75
N LEU A 155 -7.52 -12.46 -13.02
CA LEU A 155 -7.74 -12.40 -11.56
C LEU A 155 -6.72 -13.26 -10.83
N THR A 156 -6.35 -12.80 -9.64
CA THR A 156 -5.45 -13.47 -8.67
C THR A 156 -6.10 -13.46 -7.32
N HIS A 157 -6.17 -14.61 -6.64
CA HIS A 157 -6.88 -14.77 -5.35
C HIS A 157 -6.09 -14.07 -4.23
N THR A 158 -4.81 -14.39 -4.13
CA THR A 158 -3.75 -13.77 -3.28
C THR A 158 -3.75 -14.43 -1.90
N ASP A 159 -4.77 -15.15 -1.49
CA ASP A 159 -4.79 -15.63 -0.08
C ASP A 159 -5.29 -17.07 0.00
N LEU A 160 -4.77 -17.92 -0.90
CA LEU A 160 -5.09 -19.38 -0.88
C LEU A 160 -4.41 -20.01 0.32
N LYS A 161 -5.16 -20.76 1.12
CA LYS A 161 -4.64 -21.49 2.29
C LYS A 161 -5.61 -22.62 2.60
N PRO A 162 -5.21 -23.64 3.36
CA PRO A 162 -6.12 -24.79 3.59
C PRO A 162 -7.51 -24.34 4.15
N GLU A 163 -7.57 -23.32 5.02
CA GLU A 163 -8.85 -22.85 5.65
C GLU A 163 -9.84 -22.27 4.62
N ASN A 164 -9.37 -21.80 3.46
CA ASN A 164 -10.19 -21.21 2.37
C ASN A 164 -10.57 -22.26 1.35
N ILE A 165 -10.17 -23.51 1.56
CA ILE A 165 -10.54 -24.60 0.63
C ILE A 165 -11.55 -25.47 1.38
N LEU A 166 -12.73 -25.65 0.84
CA LEU A 166 -13.84 -26.32 1.58
C LEU A 166 -14.19 -27.61 0.84
N PHE A 167 -14.47 -28.67 1.60
CA PHE A 167 -15.14 -29.91 1.11
C PHE A 167 -16.61 -29.59 0.90
N VAL A 168 -17.13 -29.89 -0.29
CA VAL A 168 -18.59 -29.90 -0.55
C VAL A 168 -19.24 -30.70 0.57
N ASN A 169 -18.70 -31.86 0.90
CA ASN A 169 -19.23 -32.73 1.97
C ASN A 169 -18.05 -33.39 2.69
N SER A 170 -17.84 -33.11 3.97
CA SER A 170 -16.66 -33.61 4.73
C SER A 170 -17.04 -34.86 5.58
N GLU A 171 -18.08 -35.59 5.20
CA GLU A 171 -18.36 -36.94 5.76
C GLU A 171 -17.19 -37.89 5.45
N PHE A 172 -16.82 -38.73 6.42
CA PHE A 172 -15.60 -39.58 6.36
C PHE A 172 -15.91 -41.03 6.75
N GLU A 173 -15.07 -41.95 6.27
CA GLU A 173 -14.93 -43.34 6.77
C GLU A 173 -13.75 -43.41 7.73
N THR A 174 -13.71 -44.38 8.64
CA THR A 174 -12.52 -44.74 9.46
C THR A 174 -11.90 -46.04 8.93
N LEU A 175 -10.61 -46.02 8.54
CA LEU A 175 -10.01 -47.13 7.73
C LEU A 175 -9.00 -47.95 8.56
N GLU A 184 -7.17 -43.67 11.22
CA GLU A 184 -7.15 -42.50 10.30
C GLU A 184 -8.56 -42.35 9.73
N LYS A 185 -9.05 -41.10 9.68
CA LYS A 185 -10.29 -40.66 9.00
C LYS A 185 -9.97 -40.27 7.55
N SER A 186 -10.84 -40.64 6.64
CA SER A 186 -10.59 -40.64 5.17
C SER A 186 -11.88 -40.06 4.59
N VAL A 187 -11.83 -38.86 4.02
CA VAL A 187 -13.08 -38.19 3.55
C VAL A 187 -13.70 -39.07 2.44
N LYS A 188 -15.04 -39.19 2.39
CA LYS A 188 -15.74 -40.07 1.42
C LYS A 188 -15.77 -39.46 0.03
N ASN A 189 -15.75 -38.15 -0.05
CA ASN A 189 -15.80 -37.40 -1.32
C ASN A 189 -14.82 -36.23 -1.21
N THR A 190 -13.83 -36.16 -2.12
CA THR A 190 -12.71 -35.20 -2.08
C THR A 190 -13.08 -33.95 -2.91
N SER A 191 -14.33 -33.79 -3.34
CA SER A 191 -14.77 -32.57 -4.07
C SER A 191 -14.54 -31.36 -3.16
N ILE A 192 -13.91 -30.32 -3.67
CA ILE A 192 -13.60 -29.09 -2.88
C ILE A 192 -14.11 -27.86 -3.63
N ARG A 193 -14.16 -26.73 -2.95
CA ARG A 193 -14.49 -25.44 -3.54
C ARG A 193 -13.55 -24.41 -2.93
N VAL A 194 -13.25 -23.37 -3.71
CA VAL A 194 -12.30 -22.29 -3.32
C VAL A 194 -13.16 -21.12 -2.79
N ALA A 195 -12.86 -20.67 -1.58
CA ALA A 195 -13.60 -19.59 -0.89
C ALA A 195 -12.73 -18.33 -0.70
N ASP A 196 -13.36 -17.26 -0.25
CA ASP A 196 -12.73 -16.08 0.41
C ASP A 196 -12.00 -15.24 -0.66
N PHE A 197 -12.76 -14.59 -1.53
CA PHE A 197 -12.32 -13.70 -2.64
C PHE A 197 -12.21 -12.24 -2.22
N GLY A 198 -12.18 -11.96 -0.92
CA GLY A 198 -12.09 -10.60 -0.32
C GLY A 198 -10.85 -9.84 -0.78
N SER A 199 -9.78 -10.56 -1.09
CA SER A 199 -8.47 -9.95 -1.39
C SER A 199 -8.16 -10.03 -2.90
N ALA A 200 -9.06 -10.62 -3.68
CA ALA A 200 -8.75 -11.02 -5.06
C ALA A 200 -8.51 -9.75 -5.84
N THR A 201 -7.55 -9.75 -6.75
CA THR A 201 -7.11 -8.50 -7.41
C THR A 201 -7.04 -8.73 -8.90
N PHE A 202 -7.72 -7.91 -9.70
CA PHE A 202 -7.59 -7.95 -11.18
C PHE A 202 -6.24 -7.34 -11.61
N ASP A 203 -5.77 -7.78 -12.79
CA ASP A 203 -4.50 -7.35 -13.42
C ASP A 203 -4.35 -5.84 -13.40
N HIS A 204 -5.42 -5.08 -13.70
CA HIS A 204 -5.38 -3.61 -13.93
C HIS A 204 -5.46 -2.84 -12.62
N GLU A 205 -5.74 -3.54 -11.51
CA GLU A 205 -6.05 -2.89 -10.22
C GLU A 205 -4.76 -2.66 -9.43
N HIS A 206 -4.85 -1.78 -8.45
CA HIS A 206 -3.75 -1.54 -7.50
C HIS A 206 -3.43 -2.84 -6.77
N HIS A 207 -2.17 -3.22 -6.74
CA HIS A 207 -1.72 -4.43 -6.02
C HIS A 207 -1.22 -4.02 -4.65
N THR A 208 -1.92 -4.38 -3.57
N THR A 208 -1.95 -4.42 -3.59
CA THR A 208 -1.36 -4.13 -2.22
CA THR A 208 -1.46 -4.47 -2.18
C THR A 208 -0.03 -4.91 -2.13
C THR A 208 0.01 -4.94 -2.18
N THR A 209 0.90 -4.38 -1.35
CA THR A 209 2.31 -4.86 -1.32
C THR A 209 2.39 -6.26 -0.69
N ILE A 210 1.90 -6.43 0.53
CA ILE A 210 2.01 -7.71 1.24
C ILE A 210 0.66 -8.44 1.13
N VAL A 211 0.66 -9.54 0.40
CA VAL A 211 -0.50 -10.43 0.18
C VAL A 211 -0.10 -11.82 0.66
N ALA A 212 -1.12 -12.66 0.83
CA ALA A 212 -1.06 -14.09 1.23
C ALA A 212 -0.82 -14.19 2.75
N THR A 213 -1.09 -15.35 3.30
CA THR A 213 -0.78 -15.63 4.70
C THR A 213 0.65 -16.12 4.72
N ARG A 214 1.38 -15.82 5.79
CA ARG A 214 2.83 -16.11 5.95
C ARG A 214 3.21 -17.44 5.23
N HIS A 215 2.66 -18.56 5.64
CA HIS A 215 3.13 -19.92 5.20
C HIS A 215 3.02 -20.11 3.69
N TYR A 216 2.14 -19.36 3.05
CA TYR A 216 1.71 -19.54 1.64
C TYR A 216 2.25 -18.41 0.75
N ARG A 217 3.10 -17.58 1.35
CA ARG A 217 3.51 -16.30 0.72
C ARG A 217 4.77 -16.55 -0.09
N PRO A 218 4.79 -16.13 -1.37
CA PRO A 218 5.95 -16.39 -2.23
C PRO A 218 7.10 -15.42 -2.07
N PRO A 219 8.30 -15.77 -2.62
CA PRO A 219 9.46 -14.91 -2.44
C PRO A 219 9.33 -13.53 -3.10
N GLU A 220 8.66 -13.42 -4.25
CA GLU A 220 8.52 -12.12 -4.95
C GLU A 220 7.70 -11.15 -4.08
N VAL A 221 6.79 -11.67 -3.21
CA VAL A 221 6.01 -10.79 -2.31
C VAL A 221 6.90 -10.38 -1.13
N ILE A 222 7.59 -11.33 -0.50
CA ILE A 222 8.56 -11.01 0.59
C ILE A 222 9.60 -9.99 0.14
N LEU A 223 10.11 -10.14 -1.08
CA LEU A 223 11.16 -9.21 -1.59
C LEU A 223 10.57 -7.97 -2.28
N GLU A 224 9.23 -7.84 -2.37
CA GLU A 224 8.49 -6.70 -2.97
C GLU A 224 8.98 -6.42 -4.40
N LEU A 225 8.96 -7.45 -5.22
CA LEU A 225 9.34 -7.41 -6.63
C LEU A 225 8.14 -7.30 -7.57
N GLY A 226 6.91 -7.18 -7.07
CA GLY A 226 5.75 -7.24 -7.96
C GLY A 226 5.22 -8.67 -7.95
N TRP A 227 3.89 -8.84 -7.92
CA TRP A 227 3.26 -10.18 -7.90
C TRP A 227 2.06 -10.19 -8.84
N ALA A 228 1.66 -11.38 -9.26
CA ALA A 228 0.49 -11.64 -10.13
C ALA A 228 0.04 -13.08 -9.90
N GLN A 229 -0.53 -13.71 -10.91
CA GLN A 229 -1.12 -15.07 -10.84
C GLN A 229 -0.11 -16.03 -10.21
N PRO A 230 1.20 -15.97 -10.57
CA PRO A 230 2.15 -16.93 -10.02
C PRO A 230 2.16 -17.00 -8.47
N CYS A 231 1.76 -15.94 -7.77
CA CYS A 231 1.62 -15.92 -6.30
C CYS A 231 0.71 -17.07 -5.85
N ASP A 232 -0.41 -17.27 -6.57
CA ASP A 232 -1.38 -18.35 -6.27
C ASP A 232 -0.75 -19.72 -6.53
N VAL A 233 0.15 -19.81 -7.49
CA VAL A 233 0.76 -21.13 -7.79
C VAL A 233 1.67 -21.54 -6.63
N TRP A 234 2.48 -20.60 -6.12
CA TRP A 234 3.31 -20.84 -4.92
C TRP A 234 2.46 -21.28 -3.72
N SER A 235 1.34 -20.59 -3.45
CA SER A 235 0.43 -20.92 -2.35
C SER A 235 -0.07 -22.35 -2.53
N ILE A 236 -0.49 -22.70 -3.75
CA ILE A 236 -0.99 -24.08 -4.02
C ILE A 236 0.12 -25.09 -3.75
N GLY A 237 1.36 -24.81 -4.13
CA GLY A 237 2.48 -25.73 -3.85
C GLY A 237 2.68 -26.00 -2.37
N CYS A 238 2.69 -24.94 -1.55
CA CYS A 238 2.72 -25.01 -0.08
C CYS A 238 1.53 -25.79 0.47
N ILE A 239 0.32 -25.59 -0.08
CA ILE A 239 -0.91 -26.29 0.35
C ILE A 239 -0.77 -27.79 0.07
N LEU A 240 -0.27 -28.13 -1.12
CA LEU A 240 -0.15 -29.58 -1.48
C LEU A 240 0.85 -30.27 -0.54
N PHE A 241 1.94 -29.58 -0.20
CA PHE A 241 2.93 -30.14 0.75
C PHE A 241 2.24 -30.44 2.11
N GLU A 242 1.42 -29.50 2.59
CA GLU A 242 0.75 -29.62 3.92
C GLU A 242 -0.33 -30.71 3.90
N TYR A 243 -1.03 -30.87 2.79
CA TYR A 243 -1.98 -31.97 2.63
C TYR A 243 -1.22 -33.31 2.74
N TYR A 244 0.00 -33.34 2.21
CA TYR A 244 0.74 -34.58 1.97
C TYR A 244 1.47 -34.98 3.25
N ARG A 245 1.91 -34.04 4.08
CA ARG A 245 2.68 -34.31 5.32
C ARG A 245 1.87 -33.96 6.55
N GLY A 246 0.97 -32.98 6.43
CA GLY A 246 0.07 -32.57 7.52
C GLY A 246 0.63 -31.43 8.33
N PHE A 247 1.83 -30.95 8.01
CA PHE A 247 2.46 -29.76 8.64
C PHE A 247 2.90 -28.84 7.52
N THR A 248 3.06 -27.56 7.85
CA THR A 248 3.35 -26.51 6.88
C THR A 248 4.80 -26.71 6.44
N LEU A 249 5.06 -26.34 5.20
CA LEU A 249 6.40 -26.43 4.65
C LEU A 249 7.31 -25.40 5.32
N PHE A 250 6.79 -24.19 5.53
CA PHE A 250 7.57 -23.07 6.08
C PHE A 250 6.99 -22.65 7.41
N GLN A 251 7.56 -23.19 8.49
N GLN A 251 7.51 -23.19 8.51
CA GLN A 251 7.16 -22.91 9.90
CA GLN A 251 7.03 -22.83 9.88
C GLN A 251 8.01 -21.73 10.40
C GLN A 251 7.92 -21.74 10.45
N THR A 252 7.61 -20.52 10.07
CA THR A 252 8.40 -19.32 10.39
C THR A 252 7.45 -18.12 10.53
N HIS A 253 7.91 -17.03 11.13
CA HIS A 253 7.12 -15.78 11.24
C HIS A 253 8.01 -14.58 10.93
N GLU A 254 9.10 -14.77 10.18
CA GLU A 254 10.04 -13.64 9.87
C GLU A 254 10.65 -13.83 8.45
N ASN A 255 10.74 -12.75 7.69
CA ASN A 255 11.07 -12.79 6.25
C ASN A 255 12.45 -13.44 6.03
N ARG A 256 13.48 -12.97 6.76
CA ARG A 256 14.87 -13.42 6.53
C ARG A 256 14.95 -14.95 6.70
N GLU A 257 14.49 -15.42 7.84
CA GLU A 257 14.44 -16.85 8.22
C GLU A 257 13.62 -17.61 7.16
N HIS A 258 12.51 -17.01 6.72
CA HIS A 258 11.60 -17.61 5.71
C HIS A 258 12.42 -17.80 4.41
N LEU A 259 13.13 -16.77 3.96
CA LEU A 259 13.92 -16.88 2.72
C LEU A 259 15.04 -17.96 2.87
N VAL A 260 15.66 -18.05 4.02
CA VAL A 260 16.72 -19.05 4.30
C VAL A 260 16.12 -20.45 4.17
N MET A 261 14.94 -20.66 4.76
CA MET A 261 14.20 -21.92 4.69
C MET A 261 13.94 -22.25 3.22
N MET A 262 13.56 -21.25 2.45
CA MET A 262 13.32 -21.48 1.00
C MET A 262 14.63 -22.01 0.38
N GLU A 263 15.77 -21.41 0.71
CA GLU A 263 17.07 -21.88 0.15
C GLU A 263 17.38 -23.32 0.63
N LYS A 264 17.21 -23.63 1.92
CA LYS A 264 17.56 -24.96 2.45
C LYS A 264 16.71 -26.01 1.72
N ILE A 265 15.49 -25.66 1.34
CA ILE A 265 14.47 -26.61 0.83
C ILE A 265 14.45 -26.64 -0.70
N LEU A 266 14.72 -25.52 -1.38
CA LEU A 266 14.50 -25.39 -2.84
C LEU A 266 15.80 -25.01 -3.58
N GLY A 267 16.85 -24.59 -2.90
CA GLY A 267 18.04 -24.16 -3.64
C GLY A 267 18.12 -22.64 -3.71
N PRO A 268 19.16 -22.09 -4.39
CA PRO A 268 19.46 -20.67 -4.30
C PRO A 268 18.40 -19.80 -4.98
N ILE A 269 18.19 -18.62 -4.40
CA ILE A 269 17.29 -17.59 -4.98
C ILE A 269 18.00 -17.07 -6.21
N PRO A 270 17.30 -16.85 -7.33
CA PRO A 270 17.97 -16.31 -8.51
C PRO A 270 18.64 -14.97 -8.18
N SER A 271 19.84 -14.76 -8.69
CA SER A 271 20.65 -13.58 -8.38
C SER A 271 19.91 -12.31 -8.82
N HIS A 272 19.11 -12.33 -9.89
CA HIS A 272 18.41 -11.10 -10.37
C HIS A 272 17.27 -10.69 -9.41
N MET A 273 16.72 -11.63 -8.63
CA MET A 273 15.73 -11.27 -7.59
C MET A 273 16.45 -10.63 -6.41
N ILE A 274 17.63 -11.12 -6.07
CA ILE A 274 18.43 -10.47 -5.00
C ILE A 274 18.87 -9.06 -5.41
N HIS A 275 19.26 -8.86 -6.67
N HIS A 275 19.26 -8.91 -6.67
CA HIS A 275 19.79 -7.57 -7.20
CA HIS A 275 19.79 -7.65 -7.28
C HIS A 275 18.67 -6.51 -7.20
C HIS A 275 18.69 -6.56 -7.21
N ARG A 276 17.44 -6.92 -7.55
CA ARG A 276 16.28 -6.00 -7.74
C ARG A 276 15.63 -5.61 -6.39
N THR A 277 15.77 -6.38 -5.31
CA THR A 277 14.99 -6.06 -4.10
C THR A 277 15.50 -4.80 -3.40
N ARG A 278 14.59 -4.04 -2.80
CA ARG A 278 14.97 -2.94 -1.85
C ARG A 278 15.55 -3.54 -0.57
N LYS A 279 15.17 -4.80 -0.24
CA LYS A 279 15.54 -5.47 1.04
C LYS A 279 17.03 -5.96 1.00
N GLN A 280 17.97 -5.08 0.78
CA GLN A 280 19.40 -5.40 0.64
C GLN A 280 19.96 -5.83 2.00
N LYS A 281 19.32 -5.43 3.10
CA LYS A 281 19.85 -5.70 4.46
C LYS A 281 19.76 -7.21 4.75
N TYR A 282 18.99 -7.99 3.98
CA TYR A 282 18.89 -9.46 4.17
C TYR A 282 20.11 -10.15 3.53
N PHE A 283 20.96 -9.43 2.75
CA PHE A 283 22.02 -10.04 1.91
C PHE A 283 23.37 -9.39 2.19
N TYR A 284 24.44 -10.16 2.03
CA TYR A 284 25.83 -9.67 2.02
C TYR A 284 26.54 -10.33 0.85
N LYS A 285 27.14 -9.50 -0.01
CA LYS A 285 27.80 -9.93 -1.27
C LYS A 285 26.90 -10.92 -2.00
N GLY A 286 25.60 -10.61 -2.04
CA GLY A 286 24.60 -11.40 -2.79
C GLY A 286 24.18 -12.72 -2.12
N GLY A 287 24.63 -13.07 -0.90
CA GLY A 287 24.14 -14.24 -0.14
C GLY A 287 23.29 -13.83 1.06
N LEU A 288 22.36 -14.68 1.50
CA LEU A 288 21.48 -14.39 2.67
C LEU A 288 22.36 -14.30 3.90
N VAL A 289 22.08 -13.35 4.77
CA VAL A 289 22.78 -13.20 6.06
C VAL A 289 22.06 -14.18 7.01
N TRP A 290 22.80 -15.12 7.55
CA TRP A 290 22.20 -16.17 8.42
C TRP A 290 23.29 -16.80 9.30
N ASP A 291 23.03 -16.85 10.60
CA ASP A 291 23.92 -17.53 11.57
C ASP A 291 23.47 -18.98 11.69
N GLU A 292 24.27 -19.91 11.15
CA GLU A 292 23.95 -21.37 11.16
C GLU A 292 23.97 -21.89 12.61
N ASN A 293 24.73 -21.23 13.50
CA ASN A 293 25.10 -21.71 14.85
C ASN A 293 24.13 -21.21 15.94
N SER A 294 23.32 -20.22 15.63
CA SER A 294 22.36 -19.68 16.63
C SER A 294 21.27 -20.71 16.91
N SER A 295 20.41 -20.38 17.85
CA SER A 295 19.32 -21.27 18.27
C SER A 295 18.40 -21.51 17.07
N ASP A 296 18.04 -20.45 16.36
CA ASP A 296 17.23 -20.58 15.12
C ASP A 296 18.05 -21.30 14.04
N GLY A 297 19.37 -21.03 13.95
CA GLY A 297 20.21 -21.69 12.92
C GLY A 297 20.17 -23.20 13.10
N ARG A 298 20.31 -23.64 14.35
CA ARG A 298 20.33 -25.08 14.68
C ARG A 298 18.95 -25.65 14.32
N TYR A 299 17.89 -24.93 14.63
CA TYR A 299 16.51 -25.42 14.37
C TYR A 299 16.33 -25.57 12.87
N VAL A 300 16.64 -24.54 12.12
CA VAL A 300 16.44 -24.58 10.65
C VAL A 300 17.32 -25.70 10.03
N LYS A 301 18.55 -25.84 10.47
CA LYS A 301 19.41 -26.84 9.81
C LYS A 301 18.88 -28.25 10.13
N GLU A 302 18.31 -28.50 11.31
CA GLU A 302 17.81 -29.85 11.68
C GLU A 302 16.50 -30.10 10.93
N ASN A 303 15.70 -29.07 10.65
CA ASN A 303 14.26 -29.28 10.29
C ASN A 303 14.00 -28.92 8.83
N CYS A 304 14.85 -28.19 8.14
CA CYS A 304 14.50 -27.74 6.78
C CYS A 304 15.50 -28.37 5.78
N LYS A 305 15.07 -29.40 5.06
CA LYS A 305 15.91 -30.27 4.23
C LYS A 305 15.45 -30.05 2.79
N PRO A 306 16.19 -30.59 1.79
CA PRO A 306 15.73 -30.56 0.41
C PRO A 306 14.32 -31.16 0.30
N LEU A 307 13.51 -30.54 -0.55
CA LEU A 307 12.08 -30.87 -0.73
C LEU A 307 11.90 -32.40 -0.92
N LYS A 308 12.79 -33.04 -1.67
CA LYS A 308 12.58 -34.48 -2.02
C LYS A 308 12.71 -35.32 -0.75
N SER A 309 13.39 -34.83 0.28
CA SER A 309 13.64 -35.62 1.50
C SER A 309 12.32 -35.81 2.28
N TYR A 310 11.24 -35.10 1.95
CA TYR A 310 9.92 -35.19 2.61
C TYR A 310 9.02 -36.20 1.92
N MET A 311 9.49 -36.87 0.85
CA MET A 311 8.71 -37.96 0.22
C MET A 311 8.46 -39.08 1.25
N LEU A 312 7.24 -39.61 1.34
CA LEU A 312 6.92 -40.73 2.26
C LEU A 312 7.12 -42.09 1.57
N GLN A 313 6.94 -42.16 0.24
CA GLN A 313 7.16 -43.36 -0.61
C GLN A 313 7.92 -42.94 -1.89
N ASP A 314 8.55 -43.91 -2.55
CA ASP A 314 9.46 -43.76 -3.72
C ASP A 314 8.75 -44.08 -5.04
N SER A 315 7.47 -44.49 -5.01
CA SER A 315 6.82 -44.94 -6.25
C SER A 315 6.77 -43.74 -7.19
N LEU A 316 6.48 -43.95 -8.46
CA LEU A 316 6.42 -42.83 -9.43
C LEU A 316 5.36 -41.80 -9.06
N GLU A 317 4.18 -42.21 -8.63
CA GLU A 317 3.09 -41.23 -8.33
C GLU A 317 3.61 -40.20 -7.32
N HIS A 318 4.39 -40.59 -6.34
CA HIS A 318 4.98 -39.70 -5.33
C HIS A 318 6.06 -38.83 -5.99
N VAL A 319 6.81 -39.39 -6.96
CA VAL A 319 7.88 -38.59 -7.64
C VAL A 319 7.17 -37.50 -8.41
N GLN A 320 6.07 -37.87 -9.04
CA GLN A 320 5.28 -36.93 -9.90
C GLN A 320 4.72 -35.80 -9.04
N LEU A 321 4.16 -36.14 -7.88
CA LEU A 321 3.68 -35.08 -6.93
C LEU A 321 4.82 -34.11 -6.63
N PHE A 322 5.98 -34.64 -6.25
CA PHE A 322 7.13 -33.83 -5.77
C PHE A 322 7.71 -33.00 -6.89
N ASP A 323 7.69 -33.53 -8.12
CA ASP A 323 8.09 -32.78 -9.32
C ASP A 323 7.12 -31.61 -9.57
N LEU A 324 5.80 -31.86 -9.54
CA LEU A 324 4.80 -30.74 -9.67
C LEU A 324 4.98 -29.70 -8.56
N MET A 325 5.09 -30.11 -7.29
CA MET A 325 5.36 -29.15 -6.18
C MET A 325 6.64 -28.33 -6.45
N ARG A 326 7.72 -28.95 -6.91
CA ARG A 326 8.98 -28.26 -7.26
C ARG A 326 8.67 -27.17 -8.29
N ARG A 327 7.89 -27.50 -9.29
CA ARG A 327 7.57 -26.55 -10.37
C ARG A 327 6.68 -25.44 -9.81
N MET A 328 5.82 -25.72 -8.86
CA MET A 328 4.90 -24.68 -8.34
C MET A 328 5.69 -23.78 -7.37
N LEU A 329 6.84 -24.25 -6.91
CA LEU A 329 7.68 -23.55 -5.91
C LEU A 329 8.97 -23.02 -6.54
N GLU A 330 8.96 -22.72 -7.83
CA GLU A 330 10.13 -22.09 -8.52
C GLU A 330 10.29 -20.67 -7.92
N PHE A 331 11.50 -20.25 -7.60
CA PHE A 331 11.68 -18.89 -7.03
C PHE A 331 11.13 -17.83 -7.98
N ASP A 332 11.51 -17.94 -9.23
CA ASP A 332 11.27 -16.88 -10.24
C ASP A 332 9.84 -17.03 -10.72
N PRO A 333 8.94 -16.10 -10.39
CA PRO A 333 7.55 -16.24 -10.81
C PRO A 333 7.40 -16.35 -12.33
N ALA A 334 8.35 -15.81 -13.12
CA ALA A 334 8.29 -15.92 -14.60
C ALA A 334 8.59 -17.37 -15.05
N GLN A 335 9.24 -18.17 -14.21
CA GLN A 335 9.67 -19.57 -14.55
C GLN A 335 8.76 -20.59 -13.86
N ARG A 336 7.97 -20.14 -12.89
CA ARG A 336 7.01 -21.00 -12.11
C ARG A 336 6.02 -21.59 -13.09
N ILE A 337 5.66 -22.84 -12.94
CA ILE A 337 4.62 -23.44 -13.80
C ILE A 337 3.33 -22.59 -13.67
N THR A 338 2.58 -22.46 -14.75
CA THR A 338 1.23 -21.86 -14.75
C THR A 338 0.27 -22.99 -14.41
N LEU A 339 -0.96 -22.65 -14.06
CA LEU A 339 -1.93 -23.73 -13.77
C LEU A 339 -2.36 -24.41 -15.09
N ALA A 340 -2.34 -23.71 -16.23
CA ALA A 340 -2.69 -24.32 -17.54
C ALA A 340 -1.68 -25.43 -17.80
N GLU A 341 -0.41 -25.13 -17.51
CA GLU A 341 0.70 -26.11 -17.67
C GLU A 341 0.56 -27.24 -16.64
N ALA A 342 0.25 -26.89 -15.39
CA ALA A 342 0.12 -27.86 -14.28
C ALA A 342 -0.91 -28.92 -14.65
N LEU A 343 -2.02 -28.50 -15.29
CA LEU A 343 -3.11 -29.43 -15.61
C LEU A 343 -2.61 -30.48 -16.60
N LEU A 344 -1.50 -30.24 -17.30
CA LEU A 344 -0.93 -31.21 -18.27
C LEU A 344 0.15 -32.05 -17.59
N HIS A 345 0.49 -31.74 -16.35
CA HIS A 345 1.58 -32.47 -15.64
C HIS A 345 1.19 -33.95 -15.54
N PRO A 346 2.12 -34.89 -15.80
CA PRO A 346 1.81 -36.31 -15.67
C PRO A 346 1.32 -36.79 -14.30
N PHE A 347 1.49 -35.98 -13.25
CA PHE A 347 0.95 -36.34 -11.90
C PHE A 347 -0.54 -36.63 -12.03
N PHE A 348 -1.21 -35.88 -12.92
CA PHE A 348 -2.66 -36.00 -13.14
C PHE A 348 -3.02 -37.19 -14.02
N ALA A 349 -2.06 -37.90 -14.63
CA ALA A 349 -2.36 -39.18 -15.33
C ALA A 349 -2.97 -40.16 -14.31
N GLY A 350 -2.68 -39.98 -13.02
CA GLY A 350 -3.15 -40.93 -11.98
C GLY A 350 -4.62 -40.72 -11.54
N LEU A 351 -5.31 -39.63 -11.95
CA LEU A 351 -6.75 -39.41 -11.62
C LEU A 351 -7.59 -40.55 -12.24
N THR A 352 -8.62 -40.99 -11.50
CA THR A 352 -9.74 -41.82 -12.03
C THR A 352 -10.42 -41.02 -13.14
N PRO A 353 -11.10 -41.70 -14.10
CA PRO A 353 -11.86 -41.01 -15.14
C PRO A 353 -12.91 -40.08 -14.49
N GLU A 354 -13.53 -40.55 -13.39
CA GLU A 354 -14.53 -39.81 -12.57
C GLU A 354 -13.89 -38.53 -12.01
N GLU A 355 -12.70 -38.63 -11.38
CA GLU A 355 -12.05 -37.42 -10.81
C GLU A 355 -11.77 -36.46 -11.96
N ARG A 356 -11.35 -36.99 -13.12
CA ARG A 356 -10.76 -36.19 -14.22
C ARG A 356 -11.86 -35.34 -14.86
N SER A 357 -13.07 -35.90 -14.96
CA SER A 357 -14.30 -35.15 -15.31
C SER A 357 -14.93 -34.59 -14.02
N ARG B 10 3.57 19.85 36.53
CA ARG B 10 3.31 18.74 37.49
C ARG B 10 2.17 17.87 36.95
N SER B 11 0.92 18.36 37.02
CA SER B 11 -0.31 17.60 36.65
C SER B 11 -0.72 17.89 35.18
N VAL B 12 -1.25 16.91 34.46
CA VAL B 12 -1.68 17.06 33.03
C VAL B 12 -2.87 16.14 32.69
N GLU B 13 -3.53 16.44 31.57
CA GLU B 13 -4.75 15.74 31.11
C GLU B 13 -4.92 15.93 29.58
N ASP B 14 -5.71 15.00 29.03
CA ASP B 14 -6.10 14.91 27.61
C ASP B 14 -7.59 15.16 27.47
N ASP B 15 -8.04 15.60 26.29
CA ASP B 15 -9.46 15.75 25.96
C ASP B 15 -9.92 14.49 25.23
N LYS B 16 -11.19 14.44 24.80
CA LYS B 16 -11.84 13.23 24.24
C LYS B 16 -11.08 12.79 22.96
N GLU B 17 -10.47 13.74 22.24
CA GLU B 17 -9.79 13.50 20.94
C GLU B 17 -8.37 12.96 21.18
N GLY B 18 -7.92 12.96 22.44
CA GLY B 18 -6.55 12.65 22.86
C GLY B 18 -5.60 13.82 22.61
N HIS B 19 -6.08 15.05 22.48
CA HIS B 19 -5.18 16.24 22.51
C HIS B 19 -4.69 16.42 23.95
N LEU B 20 -3.49 17.00 24.10
CA LEU B 20 -3.06 17.50 25.42
C LEU B 20 -3.86 18.75 25.75
N VAL B 21 -4.59 18.75 26.88
CA VAL B 21 -5.29 19.98 27.36
C VAL B 21 -4.21 20.97 27.83
N CYS B 22 -4.01 22.03 27.05
CA CYS B 22 -3.11 23.16 27.42
C CYS B 22 -3.56 24.46 26.74
N ARG B 23 -3.00 25.56 27.21
CA ARG B 23 -3.23 26.91 26.62
C ARG B 23 -2.01 27.78 26.94
N ILE B 24 -1.92 28.95 26.30
CA ILE B 24 -0.86 29.95 26.62
C ILE B 24 -0.80 30.04 28.14
N GLY B 25 0.39 30.05 28.75
CA GLY B 25 0.54 29.94 30.21
C GLY B 25 1.17 28.62 30.61
N ASP B 26 0.68 27.49 30.08
CA ASP B 26 1.09 26.13 30.55
C ASP B 26 2.58 25.93 30.25
N TRP B 27 3.21 25.02 30.96
CA TRP B 27 4.63 24.62 30.75
C TRP B 27 4.68 23.14 30.41
N LEU B 28 5.80 22.71 29.81
CA LEU B 28 6.16 21.30 29.53
C LEU B 28 7.65 21.10 29.88
N GLN B 29 7.95 20.10 30.72
CA GLN B 29 9.32 19.58 31.01
C GLN B 29 10.06 20.60 31.87
N GLU B 30 9.35 21.36 32.68
CA GLU B 30 9.95 22.47 33.47
C GLU B 30 10.83 23.31 32.54
N ARG B 31 10.47 23.38 31.26
CA ARG B 31 11.38 23.91 30.21
C ARG B 31 10.62 24.79 29.21
N TYR B 32 9.55 24.29 28.58
CA TYR B 32 8.81 25.00 27.50
C TYR B 32 7.63 25.75 28.09
N GLU B 33 7.62 27.08 27.91
CA GLU B 33 6.51 27.99 28.26
C GLU B 33 5.73 28.27 26.96
N ILE B 34 4.46 27.89 26.91
CA ILE B 34 3.57 28.21 25.76
C ILE B 34 3.24 29.70 25.78
N VAL B 35 3.45 30.37 24.65
CA VAL B 35 3.20 31.82 24.51
C VAL B 35 2.33 32.11 23.30
N GLY B 36 2.06 31.12 22.44
CA GLY B 36 1.18 31.31 21.30
C GLY B 36 0.72 29.99 20.70
N ASN B 37 -0.30 30.07 19.85
CA ASN B 37 -0.90 28.94 19.08
C ASN B 37 -0.47 29.10 17.61
N LEU B 38 0.03 28.05 16.99
CA LEU B 38 0.66 28.11 15.64
C LEU B 38 -0.11 27.27 14.61
N GLY B 39 -1.00 26.36 15.03
CA GLY B 39 -1.52 25.26 14.21
C GLY B 39 -2.17 24.18 15.06
N GLU B 40 -3.45 23.82 14.82
CA GLU B 40 -4.03 22.49 15.14
C GLU B 40 -4.07 21.62 13.86
N GLY B 41 -4.34 20.32 13.99
CA GLY B 41 -4.41 19.38 12.86
C GLY B 41 -4.97 18.06 13.31
N THR B 42 -5.10 17.06 12.41
CA THR B 42 -5.50 15.71 12.84
C THR B 42 -4.41 15.13 13.74
N PHE B 43 -3.14 15.59 13.59
CA PHE B 43 -1.95 15.00 14.29
C PHE B 43 -1.85 15.51 15.73
N GLY B 44 -2.33 16.73 15.96
CA GLY B 44 -2.21 17.41 17.26
C GLY B 44 -2.12 18.90 17.08
N LYS B 45 -1.32 19.55 17.93
CA LYS B 45 -1.21 21.03 18.04
C LYS B 45 0.25 21.43 17.78
N VAL B 46 0.49 22.57 17.14
CA VAL B 46 1.81 23.25 17.20
C VAL B 46 1.62 24.51 18.06
N VAL B 47 2.47 24.70 19.05
CA VAL B 47 2.42 25.92 19.91
C VAL B 47 3.80 26.58 19.90
N GLU B 48 3.83 27.92 19.92
CA GLU B 48 5.06 28.70 20.10
C GLU B 48 5.37 28.72 21.60
N CYS B 49 6.58 28.32 21.94
CA CYS B 49 7.13 28.26 23.31
C CYS B 49 8.44 29.05 23.37
N LEU B 50 8.79 29.45 24.59
CA LEU B 50 10.11 29.99 24.98
C LEU B 50 10.85 28.80 25.58
N ASP B 51 12.01 28.45 25.03
CA ASP B 51 12.86 27.37 25.59
C ASP B 51 13.63 27.98 26.76
N HIS B 52 13.15 27.79 27.98
CA HIS B 52 13.73 28.40 29.21
C HIS B 52 15.05 27.69 29.56
N ALA B 53 15.35 26.54 28.92
CA ALA B 53 16.63 25.83 29.08
C ALA B 53 17.66 26.38 28.08
N ARG B 54 17.22 27.08 27.03
CA ARG B 54 18.12 27.87 26.13
C ARG B 54 18.11 29.33 26.58
N GLY B 55 17.98 30.26 25.64
CA GLY B 55 17.70 31.68 25.95
C GLY B 55 16.30 31.80 26.52
N LYS B 56 15.55 32.83 26.15
CA LYS B 56 14.07 32.71 26.09
C LYS B 56 13.75 32.36 24.62
N SER B 57 14.59 31.55 23.95
CA SER B 57 14.58 31.40 22.47
C SER B 57 13.29 30.71 22.03
N GLN B 58 12.78 31.12 20.85
CA GLN B 58 11.43 30.75 20.37
C GLN B 58 11.51 29.39 19.70
N VAL B 59 10.59 28.49 20.00
CA VAL B 59 10.45 27.20 19.26
C VAL B 59 9.00 27.03 18.81
N ALA B 60 8.83 26.32 17.69
CA ALA B 60 7.56 25.67 17.30
C ALA B 60 7.58 24.27 17.94
N LEU B 61 6.78 24.06 18.99
CA LEU B 61 6.65 22.73 19.63
C LEU B 61 5.43 22.07 19.00
N LYS B 62 5.64 20.98 18.27
CA LYS B 62 4.53 20.14 17.78
C LYS B 62 4.17 19.15 18.90
N ILE B 63 2.92 19.16 19.39
CA ILE B 63 2.40 18.22 20.45
C ILE B 63 1.43 17.22 19.79
N ILE B 64 1.82 15.96 19.66
CA ILE B 64 1.07 14.91 18.90
C ILE B 64 -0.02 14.31 19.79
N ARG B 65 -1.18 13.98 19.22
CA ARG B 65 -2.28 13.40 20.03
C ARG B 65 -1.82 12.10 20.67
N ASN B 66 -2.42 11.78 21.80
CA ASN B 66 -2.24 10.49 22.52
C ASN B 66 -3.04 9.40 21.81
N VAL B 67 -2.81 9.21 20.50
CA VAL B 67 -3.43 8.20 19.59
C VAL B 67 -2.30 7.47 18.85
N GLY B 68 -2.28 6.13 18.86
CA GLY B 68 -1.23 5.25 18.37
C GLY B 68 -0.76 5.62 16.98
N LYS B 69 -1.69 5.65 16.04
CA LYS B 69 -1.51 6.05 14.63
C LYS B 69 -0.59 7.29 14.53
N TYR B 70 -0.92 8.33 15.28
CA TYR B 70 -0.19 9.62 15.26
C TYR B 70 1.10 9.45 16.04
N ARG B 71 1.08 8.74 17.15
CA ARG B 71 2.33 8.54 17.93
C ARG B 71 3.34 7.88 17.00
N GLU B 72 2.92 6.87 16.23
CA GLU B 72 3.89 6.10 15.40
C GLU B 72 4.37 6.93 14.22
N ALA B 73 3.49 7.67 13.55
CA ALA B 73 3.91 8.52 12.43
C ALA B 73 4.93 9.56 12.97
N ALA B 74 4.72 10.10 14.18
CA ALA B 74 5.65 11.08 14.77
C ALA B 74 7.00 10.43 15.06
N ARG B 75 6.98 9.23 15.65
N ARG B 75 7.01 9.23 15.64
CA ARG B 75 8.18 8.38 15.87
CA ARG B 75 8.27 8.46 15.86
C ARG B 75 9.00 8.25 14.57
C ARG B 75 9.03 8.30 14.53
N LEU B 76 8.33 8.02 13.42
CA LEU B 76 9.04 7.80 12.13
C LEU B 76 9.66 9.12 11.66
N GLU B 77 8.91 10.22 11.82
CA GLU B 77 9.35 11.60 11.47
C GLU B 77 10.59 11.92 12.30
N ILE B 78 10.57 11.68 13.61
CA ILE B 78 11.74 11.97 14.49
C ILE B 78 12.97 11.21 13.95
N ASN B 79 12.80 9.92 13.57
CA ASN B 79 13.93 9.05 13.18
C ASN B 79 14.50 9.57 11.86
N VAL B 80 13.67 10.16 11.00
CA VAL B 80 14.17 10.79 9.75
C VAL B 80 14.95 12.06 10.14
N LEU B 81 14.36 12.88 11.01
CA LEU B 81 15.04 14.12 11.45
C LEU B 81 16.36 13.75 12.13
N LYS B 82 16.45 12.65 12.88
CA LYS B 82 17.72 12.33 13.57
C LYS B 82 18.81 12.02 12.55
N LYS B 83 18.45 11.34 11.47
CA LYS B 83 19.43 10.92 10.44
C LYS B 83 19.85 12.14 9.61
N ILE B 84 18.94 13.07 9.32
CA ILE B 84 19.33 14.30 8.58
C ILE B 84 20.35 15.02 9.45
N LYS B 85 19.99 15.30 10.70
CA LYS B 85 20.85 15.99 11.69
C LYS B 85 22.26 15.37 11.69
N GLU B 86 22.34 14.05 11.67
CA GLU B 86 23.62 13.30 11.83
C GLU B 86 24.47 13.46 10.57
N LYS B 87 23.85 13.55 9.39
CA LYS B 87 24.58 13.76 8.12
C LYS B 87 24.87 15.25 7.93
N ASP B 88 24.21 16.15 8.66
CA ASP B 88 24.42 17.61 8.48
C ASP B 88 24.55 18.31 9.84
N LYS B 89 25.58 18.01 10.63
CA LYS B 89 25.79 18.50 12.04
C LYS B 89 25.84 20.03 12.06
N GLU B 90 26.63 20.64 11.17
CA GLU B 90 26.75 22.11 10.95
C GLU B 90 25.42 22.71 10.45
N ASN B 91 24.43 21.90 10.07
CA ASN B 91 23.09 22.40 9.63
C ASN B 91 23.29 23.35 8.44
N LYS B 92 24.12 22.95 7.48
CA LYS B 92 24.49 23.74 6.28
C LYS B 92 23.42 23.59 5.19
N PHE B 93 22.53 22.58 5.23
CA PHE B 93 21.70 22.25 4.03
C PHE B 93 20.24 22.66 4.21
N LEU B 94 19.94 23.59 5.12
CA LEU B 94 18.71 24.42 5.08
C LEU B 94 17.43 23.62 5.38
N CYS B 95 17.53 22.58 6.19
CA CYS B 95 16.33 21.84 6.69
C CYS B 95 15.89 22.50 8.00
N VAL B 96 14.59 22.62 8.21
CA VAL B 96 14.07 23.11 9.54
C VAL B 96 14.76 22.28 10.63
N LEU B 97 15.38 22.97 11.59
CA LEU B 97 16.20 22.36 12.68
C LEU B 97 15.25 21.80 13.76
N MET B 98 15.29 20.48 13.98
CA MET B 98 14.78 19.85 15.23
C MET B 98 15.73 20.14 16.39
N SER B 99 15.32 20.90 17.42
CA SER B 99 16.13 21.21 18.64
C SER B 99 15.94 20.14 19.73
N ASP B 100 14.76 19.52 19.83
CA ASP B 100 14.45 18.57 20.93
C ASP B 100 13.34 17.62 20.46
N TRP B 101 13.22 16.49 21.13
CA TRP B 101 12.02 15.64 21.02
C TRP B 101 11.91 14.80 22.30
N PHE B 102 10.69 14.53 22.74
CA PHE B 102 10.41 13.75 23.97
C PHE B 102 8.98 13.19 23.90
N ASN B 103 8.75 12.23 24.79
CA ASN B 103 7.46 11.56 25.01
C ASN B 103 6.91 12.18 26.29
N PHE B 104 5.90 13.04 26.16
CA PHE B 104 5.20 13.73 27.27
C PHE B 104 3.86 13.01 27.50
N HIS B 105 3.91 11.97 28.32
CA HIS B 105 2.75 11.18 28.80
C HIS B 105 1.97 10.58 27.62
N GLY B 106 2.66 10.06 26.61
CA GLY B 106 2.00 9.51 25.42
C GLY B 106 2.02 10.44 24.22
N HIS B 107 2.22 11.73 24.48
CA HIS B 107 2.32 12.74 23.42
C HIS B 107 3.78 12.86 22.98
N MET B 108 4.07 12.50 21.74
CA MET B 108 5.35 12.82 21.04
C MET B 108 5.42 14.35 20.85
N CYS B 109 6.48 14.94 21.36
CA CYS B 109 6.71 16.41 21.26
C CYS B 109 7.99 16.64 20.47
N ILE B 110 7.91 17.45 19.43
CA ILE B 110 9.11 17.80 18.61
C ILE B 110 9.31 19.33 18.65
N ALA B 111 10.46 19.81 19.08
CA ALA B 111 10.77 21.26 19.09
C ALA B 111 11.62 21.62 17.87
N PHE B 112 11.16 22.61 17.11
CA PHE B 112 11.91 23.23 16.00
C PHE B 112 12.18 24.70 16.33
N GLU B 113 13.28 25.25 15.81
CA GLU B 113 13.57 26.70 15.88
C GLU B 113 12.43 27.39 15.12
N LEU B 114 11.86 28.43 15.71
CA LEU B 114 10.74 29.18 15.12
C LEU B 114 11.24 29.97 13.93
N LEU B 115 10.59 29.81 12.79
CA LEU B 115 10.96 30.47 11.53
C LEU B 115 9.88 31.53 11.23
N GLY B 116 9.86 32.09 10.03
CA GLY B 116 8.78 33.01 9.62
C GLY B 116 7.64 32.29 8.92
N LYS B 117 6.86 33.06 8.17
CA LYS B 117 5.71 32.59 7.36
C LYS B 117 6.22 31.67 6.26
N ASN B 118 5.43 30.66 5.90
CA ASN B 118 5.74 29.81 4.72
C ASN B 118 5.53 30.64 3.45
N THR B 119 6.03 30.14 2.32
CA THR B 119 6.12 30.89 1.04
C THR B 119 4.72 30.97 0.42
N PHE B 120 3.82 30.05 0.79
CA PHE B 120 2.42 30.13 0.36
C PHE B 120 1.70 31.27 1.10
N GLU B 121 1.84 31.29 2.44
N GLU B 121 1.79 31.35 2.43
CA GLU B 121 1.28 32.29 3.38
CA GLU B 121 1.02 32.38 3.18
C GLU B 121 1.62 33.71 2.89
C GLU B 121 1.59 33.77 2.84
N PHE B 122 2.89 33.90 2.58
CA PHE B 122 3.46 35.22 2.23
C PHE B 122 2.92 35.61 0.83
N LEU B 123 2.78 34.65 -0.08
CA LEU B 123 2.19 34.89 -1.42
C LEU B 123 0.73 35.38 -1.30
N LYS B 124 -0.08 34.67 -0.51
CA LYS B 124 -1.51 34.98 -0.25
C LYS B 124 -1.59 36.40 0.30
N GLU B 125 -0.79 36.72 1.32
CA GLU B 125 -0.81 38.01 2.03
C GLU B 125 -0.39 39.13 1.07
N ASN B 126 0.22 38.78 -0.07
CA ASN B 126 0.61 39.72 -1.15
C ASN B 126 -0.34 39.58 -2.36
N ASN B 127 -1.58 39.13 -2.04
CA ASN B 127 -2.73 39.02 -2.97
C ASN B 127 -2.34 38.21 -4.20
N PHE B 128 -1.48 37.19 -4.00
CA PHE B 128 -0.98 36.25 -5.04
C PHE B 128 -0.20 36.98 -6.15
N GLN B 129 0.30 38.19 -5.87
CA GLN B 129 1.32 38.87 -6.71
C GLN B 129 2.61 38.07 -6.58
N PRO B 130 3.17 37.65 -7.73
CA PRO B 130 4.29 36.72 -7.70
C PRO B 130 5.58 37.30 -7.12
N TYR B 131 6.50 36.41 -6.78
CA TYR B 131 7.86 36.78 -6.33
C TYR B 131 8.58 37.34 -7.56
N PRO B 132 9.33 38.47 -7.38
CA PRO B 132 10.18 38.97 -8.45
C PRO B 132 11.21 37.87 -8.79
N LEU B 133 11.67 37.89 -10.04
CA LEU B 133 12.58 36.86 -10.57
C LEU B 133 13.82 36.69 -9.70
N PRO B 134 14.47 37.76 -9.18
CA PRO B 134 15.63 37.54 -8.29
C PRO B 134 15.28 36.66 -7.07
N HIS B 135 14.07 36.84 -6.49
CA HIS B 135 13.57 36.07 -5.32
C HIS B 135 13.36 34.63 -5.79
N VAL B 136 12.70 34.43 -6.93
CA VAL B 136 12.48 33.06 -7.44
C VAL B 136 13.86 32.41 -7.52
N ARG B 137 14.81 33.11 -8.13
CA ARG B 137 16.19 32.61 -8.37
C ARG B 137 16.87 32.23 -7.04
N HIS B 138 16.87 33.11 -6.03
CA HIS B 138 17.49 32.78 -4.73
C HIS B 138 16.75 31.63 -4.05
N MET B 139 15.42 31.60 -4.12
CA MET B 139 14.65 30.48 -3.53
C MET B 139 14.93 29.17 -4.33
N ALA B 140 14.93 29.20 -5.67
CA ALA B 140 15.22 28.00 -6.50
C ALA B 140 16.59 27.42 -6.13
N TYR B 141 17.54 28.26 -5.78
CA TYR B 141 18.93 27.84 -5.49
C TYR B 141 19.00 27.11 -4.16
N GLN B 142 18.41 27.70 -3.15
CA GLN B 142 18.29 27.13 -1.80
C GLN B 142 17.56 25.78 -1.85
N LEU B 143 16.41 25.69 -2.53
CA LEU B 143 15.62 24.44 -2.67
C LEU B 143 16.49 23.37 -3.32
N CYS B 144 17.20 23.72 -4.41
CA CYS B 144 18.06 22.79 -5.17
C CYS B 144 19.17 22.32 -4.22
N HIS B 145 19.75 23.24 -3.48
CA HIS B 145 20.87 22.97 -2.55
C HIS B 145 20.41 21.97 -1.46
N ALA B 146 19.28 22.28 -0.84
CA ALA B 146 18.73 21.53 0.31
C ALA B 146 18.44 20.09 -0.13
N LEU B 147 17.75 19.92 -1.24
CA LEU B 147 17.26 18.62 -1.70
C LEU B 147 18.40 17.82 -2.38
N ARG B 148 19.37 18.48 -3.00
CA ARG B 148 20.53 17.75 -3.62
C ARG B 148 21.21 16.93 -2.51
N PHE B 149 21.46 17.55 -1.37
CA PHE B 149 22.13 16.91 -0.22
C PHE B 149 21.31 15.67 0.21
N LEU B 150 20.01 15.84 0.44
CA LEU B 150 19.12 14.71 0.85
C LEU B 150 19.15 13.62 -0.21
N HIS B 151 19.02 13.99 -1.49
CA HIS B 151 19.06 13.05 -2.62
C HIS B 151 20.37 12.26 -2.60
N GLU B 152 21.50 12.91 -2.32
CA GLU B 152 22.80 12.19 -2.33
C GLU B 152 22.99 11.42 -1.00
N ASN B 153 22.06 11.54 -0.05
CA ASN B 153 22.03 10.72 1.18
C ASN B 153 20.87 9.68 1.10
N GLN B 154 20.40 9.35 -0.10
CA GLN B 154 19.46 8.22 -0.40
C GLN B 154 18.10 8.56 0.22
N LEU B 155 17.74 9.85 0.30
CA LEU B 155 16.46 10.36 0.83
C LEU B 155 15.65 11.10 -0.25
N THR B 156 14.33 10.92 -0.20
CA THR B 156 13.35 11.67 -1.03
C THR B 156 12.32 12.31 -0.11
N HIS B 157 11.97 13.59 -0.30
CA HIS B 157 11.06 14.30 0.60
C HIS B 157 9.64 13.78 0.31
N THR B 158 9.28 13.82 -0.97
CA THR B 158 8.00 13.37 -1.56
C THR B 158 6.87 14.40 -1.39
N ASP B 159 6.97 15.39 -0.52
CA ASP B 159 5.82 16.32 -0.34
C ASP B 159 6.25 17.79 -0.33
N LEU B 160 7.00 18.15 -1.35
CA LEU B 160 7.49 19.53 -1.48
C LEU B 160 6.34 20.37 -2.02
N LYS B 161 6.11 21.50 -1.41
CA LYS B 161 5.04 22.42 -1.80
C LYS B 161 5.28 23.73 -1.06
N PRO B 162 4.69 24.81 -1.56
CA PRO B 162 5.03 26.14 -1.01
C PRO B 162 4.77 26.24 0.50
N GLU B 163 3.75 25.52 1.00
CA GLU B 163 3.38 25.51 2.44
C GLU B 163 4.53 24.96 3.29
N ASN B 164 5.33 24.06 2.71
CA ASN B 164 6.44 23.32 3.38
C ASN B 164 7.78 24.02 3.24
N ILE B 165 7.80 25.23 2.71
CA ILE B 165 9.03 26.04 2.54
C ILE B 165 8.80 27.35 3.28
N LEU B 166 9.65 27.60 4.27
CA LEU B 166 9.48 28.64 5.30
C LEU B 166 10.61 29.64 5.09
N PHE B 167 10.29 30.93 5.13
CA PHE B 167 11.29 32.01 5.31
C PHE B 167 11.87 31.94 6.71
N VAL B 168 13.18 32.13 6.85
CA VAL B 168 13.83 32.35 8.17
C VAL B 168 13.17 33.59 8.82
N ASN B 169 12.90 34.62 8.04
CA ASN B 169 12.32 35.92 8.48
C ASN B 169 11.47 36.47 7.32
N SER B 170 10.15 36.61 7.53
CA SER B 170 9.17 36.98 6.47
C SER B 170 8.80 38.46 6.57
N GLU B 171 9.52 39.28 7.35
CA GLU B 171 9.39 40.77 7.32
C GLU B 171 9.64 41.28 5.88
N PHE B 172 8.78 42.19 5.40
CA PHE B 172 8.70 42.66 3.99
C PHE B 172 8.87 44.19 3.95
N GLU B 173 9.27 44.72 2.78
CA GLU B 173 9.16 46.18 2.42
C GLU B 173 8.03 46.32 1.39
N THR B 174 7.47 47.53 1.25
CA THR B 174 6.36 47.92 0.33
C THR B 174 6.84 48.92 -0.74
N GLU B 184 3.90 44.78 -4.77
CA GLU B 184 3.66 45.70 -3.62
C GLU B 184 4.46 45.17 -2.42
N LYS B 185 4.25 43.92 -1.96
CA LYS B 185 5.04 43.41 -0.79
C LYS B 185 6.23 42.58 -1.27
N SER B 186 7.42 42.95 -0.77
CA SER B 186 8.77 42.45 -1.16
C SER B 186 9.48 41.97 0.12
N VAL B 187 9.66 40.64 0.27
CA VAL B 187 10.31 40.05 1.47
C VAL B 187 11.73 40.63 1.57
N LYS B 188 12.20 40.91 2.79
CA LYS B 188 13.46 41.65 3.01
C LYS B 188 14.64 40.70 2.87
N ASN B 189 14.45 39.44 3.26
CA ASN B 189 15.48 38.40 3.21
C ASN B 189 14.81 37.14 2.67
N THR B 190 15.26 36.62 1.53
CA THR B 190 14.71 35.43 0.83
C THR B 190 15.33 34.10 1.28
N SER B 191 15.97 34.03 2.46
CA SER B 191 16.52 32.78 3.05
C SER B 191 15.34 31.91 3.49
N ILE B 192 15.35 30.61 3.14
CA ILE B 192 14.22 29.66 3.33
C ILE B 192 14.77 28.38 3.94
N ARG B 193 13.87 27.59 4.52
CA ARG B 193 14.19 26.28 5.09
C ARG B 193 13.13 25.30 4.61
N VAL B 194 13.54 24.03 4.45
CA VAL B 194 12.65 22.95 4.03
C VAL B 194 12.11 22.27 5.30
N ALA B 195 10.79 22.14 5.35
CA ALA B 195 10.04 21.57 6.48
C ALA B 195 9.29 20.33 6.01
N ASP B 196 8.74 19.63 7.00
CA ASP B 196 7.71 18.57 6.87
C ASP B 196 8.34 17.31 6.24
N PHE B 197 9.17 16.62 7.00
CA PHE B 197 9.88 15.36 6.66
C PHE B 197 9.04 14.13 7.04
N GLY B 198 7.77 14.35 7.36
CA GLY B 198 6.79 13.31 7.71
C GLY B 198 6.70 12.20 6.68
N SER B 199 6.81 12.49 5.39
CA SER B 199 6.61 11.46 4.34
C SER B 199 7.95 11.05 3.69
N ALA B 200 9.07 11.58 4.17
CA ALA B 200 10.42 11.38 3.53
C ALA B 200 10.81 9.90 3.65
N THR B 201 11.33 9.36 2.55
CA THR B 201 11.51 7.92 2.35
C THR B 201 12.95 7.64 1.88
N PHE B 202 13.69 6.81 2.60
CA PHE B 202 15.02 6.31 2.16
C PHE B 202 14.80 5.34 1.01
N ASP B 203 15.83 5.22 0.15
CA ASP B 203 15.83 4.37 -1.06
C ASP B 203 15.40 2.93 -0.71
N HIS B 204 15.91 2.41 0.40
CA HIS B 204 15.77 0.99 0.79
C HIS B 204 14.37 0.75 1.40
N GLU B 205 13.67 1.83 1.75
CA GLU B 205 12.40 1.74 2.50
C GLU B 205 11.22 1.52 1.57
N HIS B 206 10.13 1.02 2.15
CA HIS B 206 8.88 0.79 1.42
C HIS B 206 8.44 2.15 0.85
N HIS B 207 8.19 2.20 -0.44
CA HIS B 207 7.61 3.35 -1.16
C HIS B 207 6.06 3.25 -1.18
N THR B 208 5.39 4.16 -0.50
CA THR B 208 3.91 4.36 -0.64
C THR B 208 3.59 4.59 -2.11
N THR B 209 2.45 4.13 -2.57
CA THR B 209 2.09 4.26 -3.99
C THR B 209 1.85 5.74 -4.30
N ILE B 210 0.98 6.39 -3.57
CA ILE B 210 0.59 7.78 -3.90
C ILE B 210 1.31 8.72 -2.92
N VAL B 211 2.21 9.57 -3.47
CA VAL B 211 2.94 10.59 -2.67
C VAL B 211 2.68 11.94 -3.33
N ALA B 212 3.18 12.98 -2.68
CA ALA B 212 3.12 14.39 -3.13
C ALA B 212 1.69 14.88 -3.02
N THR B 213 1.50 16.17 -2.79
CA THR B 213 0.19 16.85 -2.92
C THR B 213 -0.16 16.96 -4.42
N ARG B 214 -1.44 16.80 -4.78
CA ARG B 214 -1.97 16.80 -6.19
C ARG B 214 -1.10 17.70 -7.09
N HIS B 215 -1.07 19.02 -6.83
CA HIS B 215 -0.54 20.00 -7.79
C HIS B 215 0.94 19.74 -8.09
N TYR B 216 1.64 19.11 -7.14
CA TYR B 216 3.11 18.93 -7.10
C TYR B 216 3.48 17.48 -7.46
N ARG B 217 2.49 16.68 -7.86
CA ARG B 217 2.69 15.21 -8.04
C ARG B 217 3.12 14.90 -9.46
N PRO B 218 4.19 14.08 -9.65
CA PRO B 218 4.72 13.81 -10.99
C PRO B 218 3.98 12.71 -11.74
N PRO B 219 4.11 12.64 -13.09
CA PRO B 219 3.41 11.64 -13.90
C PRO B 219 3.76 10.18 -13.56
N GLU B 220 4.97 9.92 -13.08
CA GLU B 220 5.38 8.55 -12.69
C GLU B 220 4.59 8.11 -11.45
N VAL B 221 4.13 9.05 -10.62
CA VAL B 221 3.34 8.68 -9.40
C VAL B 221 1.91 8.46 -9.82
N ILE B 222 1.38 9.28 -10.69
CA ILE B 222 -0.02 9.14 -11.16
C ILE B 222 -0.14 7.79 -11.90
N LEU B 223 0.85 7.46 -12.73
CA LEU B 223 0.83 6.21 -13.55
C LEU B 223 1.33 4.98 -12.80
N GLU B 224 1.76 5.18 -11.56
CA GLU B 224 2.24 4.13 -10.64
C GLU B 224 3.36 3.35 -11.34
N LEU B 225 4.42 4.05 -11.73
CA LEU B 225 5.54 3.42 -12.46
C LEU B 225 6.76 3.31 -11.58
N GLY B 226 6.61 3.59 -10.30
CA GLY B 226 7.74 3.71 -9.37
C GLY B 226 8.26 5.15 -9.31
N TRP B 227 8.74 5.58 -8.16
CA TRP B 227 9.23 6.96 -8.01
C TRP B 227 10.46 6.90 -7.12
N ALA B 228 11.26 7.95 -7.16
CA ALA B 228 12.48 8.13 -6.36
C ALA B 228 12.79 9.64 -6.27
N GLN B 229 14.04 10.05 -6.19
CA GLN B 229 14.42 11.48 -6.03
C GLN B 229 13.78 12.34 -7.14
N PRO B 230 13.68 11.91 -8.44
CA PRO B 230 13.13 12.75 -9.50
C PRO B 230 11.72 13.28 -9.17
N CYS B 231 11.00 12.60 -8.28
CA CYS B 231 9.67 13.06 -7.77
C CYS B 231 9.82 14.51 -7.22
N ASP B 232 10.82 14.73 -6.37
CA ASP B 232 11.09 16.04 -5.71
C ASP B 232 11.43 17.09 -6.78
N VAL B 233 12.15 16.70 -7.82
CA VAL B 233 12.52 17.64 -8.91
C VAL B 233 11.27 18.14 -9.63
N TRP B 234 10.32 17.28 -9.94
CA TRP B 234 9.02 17.69 -10.53
C TRP B 234 8.33 18.69 -9.60
N SER B 235 8.23 18.34 -8.32
CA SER B 235 7.62 19.23 -7.29
C SER B 235 8.29 20.61 -7.34
N ILE B 236 9.62 20.66 -7.34
CA ILE B 236 10.36 21.96 -7.35
C ILE B 236 10.03 22.72 -8.66
N GLY B 237 9.94 22.03 -9.78
CA GLY B 237 9.49 22.63 -11.05
C GLY B 237 8.16 23.34 -10.89
N CYS B 238 7.18 22.65 -10.30
CA CYS B 238 5.80 23.18 -10.10
C CYS B 238 5.83 24.36 -9.11
N ILE B 239 6.62 24.24 -8.05
CA ILE B 239 6.83 25.31 -7.04
C ILE B 239 7.39 26.57 -7.72
N LEU B 240 8.41 26.44 -8.57
CA LEU B 240 9.06 27.63 -9.17
C LEU B 240 8.05 28.34 -10.07
N PHE B 241 7.25 27.58 -10.82
CA PHE B 241 6.19 28.16 -11.67
C PHE B 241 5.25 28.98 -10.78
N GLU B 242 4.88 28.42 -9.64
CA GLU B 242 3.90 29.05 -8.72
C GLU B 242 4.50 30.32 -8.12
N TYR B 243 5.78 30.29 -7.71
CA TYR B 243 6.49 31.47 -7.17
C TYR B 243 6.53 32.56 -8.25
N TYR B 244 6.75 32.18 -9.51
CA TYR B 244 6.94 33.10 -10.66
C TYR B 244 5.62 33.72 -11.10
N ARG B 245 4.52 32.97 -11.14
CA ARG B 245 3.22 33.51 -11.65
C ARG B 245 2.28 33.83 -10.49
N GLY B 246 2.44 33.15 -9.35
CA GLY B 246 1.56 33.34 -8.20
C GLY B 246 0.41 32.33 -8.14
N PHE B 247 0.20 31.53 -9.20
CA PHE B 247 -0.92 30.55 -9.25
C PHE B 247 -0.35 29.19 -9.64
N THR B 248 -1.01 28.10 -9.28
CA THR B 248 -0.44 26.75 -9.43
C THR B 248 -0.42 26.41 -10.91
N LEU B 249 0.55 25.61 -11.33
CA LEU B 249 0.65 25.12 -12.73
C LEU B 249 -0.51 24.15 -13.05
N PHE B 250 -0.79 23.17 -12.18
CA PHE B 250 -1.83 22.17 -12.51
C PHE B 250 -3.02 22.37 -11.58
N GLN B 251 -4.09 23.03 -12.00
CA GLN B 251 -5.29 23.30 -11.14
C GLN B 251 -6.34 22.25 -11.48
N THR B 252 -6.22 21.09 -10.86
CA THR B 252 -7.03 19.90 -11.19
C THR B 252 -7.10 19.00 -9.95
N HIS B 253 -8.13 18.17 -9.86
CA HIS B 253 -8.23 17.19 -8.75
C HIS B 253 -8.40 15.77 -9.31
N GLU B 254 -8.06 15.53 -10.58
CA GLU B 254 -8.32 14.19 -11.19
C GLU B 254 -7.18 13.78 -12.14
N ASN B 255 -6.75 12.52 -12.05
CA ASN B 255 -5.59 11.95 -12.77
C ASN B 255 -5.70 12.18 -14.28
N ARG B 256 -6.80 11.79 -14.91
CA ARG B 256 -6.91 11.92 -16.39
C ARG B 256 -6.72 13.38 -16.85
N GLU B 257 -7.49 14.32 -16.33
CA GLU B 257 -7.36 15.75 -16.64
C GLU B 257 -5.93 16.24 -16.34
N HIS B 258 -5.33 15.79 -15.24
CA HIS B 258 -3.98 16.22 -14.81
C HIS B 258 -2.96 15.83 -15.91
N LEU B 259 -3.04 14.59 -16.40
CA LEU B 259 -2.16 14.11 -17.51
C LEU B 259 -2.43 14.90 -18.78
N VAL B 260 -3.68 15.21 -19.09
CA VAL B 260 -4.01 15.99 -20.30
C VAL B 260 -3.31 17.36 -20.19
N MET B 261 -3.39 17.97 -18.99
CA MET B 261 -2.84 19.32 -18.74
C MET B 261 -1.34 19.22 -18.93
N MET B 262 -0.75 18.13 -18.46
CA MET B 262 0.72 17.93 -18.60
C MET B 262 1.04 17.96 -20.09
N GLU B 263 0.20 17.33 -20.91
CA GLU B 263 0.47 17.16 -22.36
C GLU B 263 0.36 18.53 -23.03
N LYS B 264 -0.75 19.24 -22.77
CA LYS B 264 -1.01 20.56 -23.39
C LYS B 264 0.16 21.49 -23.09
N ILE B 265 0.70 21.39 -21.89
CA ILE B 265 1.67 22.39 -21.38
C ILE B 265 3.10 21.97 -21.77
N LEU B 266 3.42 20.67 -21.70
CA LEU B 266 4.82 20.15 -21.72
C LEU B 266 5.09 19.29 -22.96
N GLY B 267 4.08 18.87 -23.73
CA GLY B 267 4.25 18.05 -24.95
C GLY B 267 3.99 16.56 -24.69
N PRO B 268 4.24 15.69 -25.69
CA PRO B 268 3.76 14.31 -25.62
C PRO B 268 4.35 13.54 -24.45
N ILE B 269 3.52 12.70 -23.83
CA ILE B 269 3.94 11.68 -22.84
C ILE B 269 4.77 10.61 -23.56
N PRO B 270 5.94 10.23 -23.00
CA PRO B 270 6.76 9.16 -23.58
C PRO B 270 5.97 7.84 -23.67
N SER B 271 5.94 7.23 -24.85
CA SER B 271 5.12 6.02 -25.13
C SER B 271 5.46 4.92 -24.13
N HIS B 272 6.70 4.81 -23.63
CA HIS B 272 7.02 3.65 -22.75
C HIS B 272 6.30 3.77 -21.42
N MET B 273 6.02 5.01 -20.98
CA MET B 273 5.34 5.22 -19.69
C MET B 273 3.86 4.83 -19.87
N ILE B 274 3.27 5.12 -21.04
CA ILE B 274 1.89 4.69 -21.37
C ILE B 274 1.83 3.14 -21.47
N HIS B 275 2.83 2.49 -22.08
CA HIS B 275 2.80 1.02 -22.29
C HIS B 275 2.89 0.30 -20.95
N ARG B 276 3.66 0.83 -19.99
N ARG B 276 3.65 0.81 -19.97
CA ARG B 276 3.99 0.18 -18.68
CA ARG B 276 3.95 0.10 -18.69
C ARG B 276 2.88 0.37 -17.64
C ARG B 276 2.90 0.38 -17.61
N THR B 277 2.06 1.41 -17.72
CA THR B 277 1.07 1.72 -16.62
C THR B 277 -0.03 0.63 -16.54
N ARG B 278 -0.46 0.32 -15.33
CA ARG B 278 -1.74 -0.43 -15.09
C ARG B 278 -2.95 0.38 -15.54
N LYS B 279 -2.84 1.71 -15.59
CA LYS B 279 -4.01 2.60 -15.80
C LYS B 279 -4.31 2.71 -17.29
N GLN B 280 -4.45 1.59 -17.99
CA GLN B 280 -4.67 1.58 -19.47
C GLN B 280 -5.99 2.29 -19.79
N LYS B 281 -6.94 2.35 -18.84
CA LYS B 281 -8.27 2.98 -19.04
C LYS B 281 -8.11 4.48 -19.34
N TYR B 282 -7.00 5.11 -18.98
CA TYR B 282 -6.78 6.54 -19.33
C TYR B 282 -6.46 6.66 -20.83
N PHE B 283 -6.19 5.56 -21.55
CA PHE B 283 -5.66 5.65 -22.93
C PHE B 283 -6.48 4.81 -23.90
N TYR B 284 -6.50 5.28 -25.15
CA TYR B 284 -7.09 4.59 -26.30
C TYR B 284 -6.12 4.75 -27.46
N LYS B 285 -5.57 3.63 -27.93
CA LYS B 285 -4.59 3.56 -29.06
C LYS B 285 -3.39 4.48 -28.76
N GLY B 286 -2.89 4.44 -27.53
CA GLY B 286 -1.71 5.21 -27.09
C GLY B 286 -2.01 6.68 -26.80
N GLY B 287 -3.24 7.16 -27.06
CA GLY B 287 -3.68 8.55 -26.74
C GLY B 287 -4.54 8.65 -25.48
N LEU B 288 -4.39 9.75 -24.72
CA LEU B 288 -5.26 10.09 -23.57
C LEU B 288 -6.68 10.23 -24.06
N VAL B 289 -7.62 9.55 -23.42
CA VAL B 289 -9.07 9.72 -23.65
C VAL B 289 -9.44 11.12 -23.13
N TRP B 290 -9.99 11.96 -23.98
CA TRP B 290 -10.26 13.36 -23.60
C TRP B 290 -11.14 14.01 -24.65
N ASP B 291 -12.36 14.35 -24.26
CA ASP B 291 -13.31 15.12 -25.08
C ASP B 291 -12.88 16.60 -25.09
N GLU B 292 -12.29 17.07 -26.18
CA GLU B 292 -12.03 18.52 -26.40
C GLU B 292 -13.37 19.29 -26.41
N ASN B 293 -14.43 18.70 -26.98
CA ASN B 293 -15.72 19.39 -27.28
C ASN B 293 -16.49 19.71 -25.99
N SER B 294 -16.17 19.07 -24.85
CA SER B 294 -16.91 19.15 -23.54
C SER B 294 -16.58 20.44 -22.77
N SER B 295 -17.28 20.66 -21.64
CA SER B 295 -17.10 21.84 -20.75
C SER B 295 -15.69 21.84 -20.18
N ASP B 296 -15.27 20.72 -19.59
CA ASP B 296 -13.89 20.54 -19.06
C ASP B 296 -12.87 20.71 -20.19
N GLY B 297 -13.11 20.06 -21.33
CA GLY B 297 -12.42 20.32 -22.60
C GLY B 297 -12.23 21.80 -22.83
N ARG B 298 -13.32 22.52 -23.08
CA ARG B 298 -13.34 23.99 -23.25
C ARG B 298 -12.36 24.60 -22.24
N TYR B 299 -12.46 24.29 -20.93
CA TYR B 299 -11.68 24.99 -19.87
C TYR B 299 -10.18 24.79 -20.07
N VAL B 300 -9.76 23.53 -20.27
CA VAL B 300 -8.34 23.10 -20.43
C VAL B 300 -7.76 23.74 -21.69
N LYS B 301 -8.49 23.73 -22.83
CA LYS B 301 -8.09 24.38 -24.12
C LYS B 301 -7.77 25.85 -23.85
N GLU B 302 -8.64 26.57 -23.14
CA GLU B 302 -8.54 28.04 -22.95
C GLU B 302 -7.52 28.37 -21.85
N ASN B 303 -7.14 27.45 -20.97
CA ASN B 303 -6.36 27.84 -19.75
C ASN B 303 -4.99 27.16 -19.71
N CYS B 304 -4.79 26.06 -20.44
CA CYS B 304 -3.57 25.21 -20.34
C CYS B 304 -2.84 25.26 -21.68
N LYS B 305 -1.83 26.13 -21.77
CA LYS B 305 -1.09 26.46 -23.01
C LYS B 305 0.34 25.95 -22.87
N PRO B 306 1.13 25.99 -23.96
CA PRO B 306 2.56 25.63 -23.87
C PRO B 306 3.29 26.40 -22.76
N LEU B 307 4.14 25.72 -22.00
CA LEU B 307 4.84 26.32 -20.83
C LEU B 307 5.45 27.69 -21.17
N LYS B 308 6.07 27.80 -22.35
CA LYS B 308 6.79 29.01 -22.82
C LYS B 308 5.83 30.18 -22.73
N SER B 309 4.54 29.98 -23.03
CA SER B 309 3.54 31.08 -23.13
C SER B 309 3.33 31.73 -21.74
N TYR B 310 3.78 31.12 -20.64
CA TYR B 310 3.62 31.73 -19.30
C TYR B 310 4.77 32.66 -18.94
N MET B 311 5.73 32.91 -19.83
CA MET B 311 6.83 33.87 -19.52
C MET B 311 6.25 35.29 -19.37
N LEU B 312 6.62 36.02 -18.32
CA LEU B 312 6.22 37.44 -18.13
C LEU B 312 7.12 38.41 -18.90
N GLN B 313 8.36 38.04 -19.18
CA GLN B 313 9.34 38.87 -19.95
C GLN B 313 10.15 37.91 -20.84
N ASP B 314 10.78 38.42 -21.90
CA ASP B 314 11.54 37.58 -22.87
C ASP B 314 13.08 37.80 -22.75
N SER B 315 13.55 38.48 -21.69
CA SER B 315 15.00 38.71 -21.44
C SER B 315 15.65 37.39 -21.01
N LEU B 316 16.98 37.38 -21.00
CA LEU B 316 17.76 36.13 -20.83
C LEU B 316 17.38 35.44 -19.50
N GLU B 317 17.39 36.15 -18.38
CA GLU B 317 17.20 35.47 -17.07
C GLU B 317 15.84 34.77 -17.06
N HIS B 318 14.85 35.33 -17.76
CA HIS B 318 13.52 34.66 -17.85
C HIS B 318 13.63 33.40 -18.71
N VAL B 319 14.27 33.51 -19.88
CA VAL B 319 14.53 32.36 -20.79
C VAL B 319 15.25 31.29 -19.98
N GLN B 320 16.20 31.68 -19.14
CA GLN B 320 17.00 30.70 -18.37
C GLN B 320 16.13 30.03 -17.30
N LEU B 321 15.27 30.78 -16.60
CA LEU B 321 14.37 30.18 -15.58
C LEU B 321 13.53 29.10 -16.28
N PHE B 322 12.98 29.43 -17.45
CA PHE B 322 12.00 28.56 -18.17
C PHE B 322 12.70 27.31 -18.73
N ASP B 323 13.98 27.42 -19.09
CA ASP B 323 14.74 26.23 -19.55
C ASP B 323 14.93 25.28 -18.37
N LEU B 324 15.36 25.79 -17.21
CA LEU B 324 15.50 24.95 -16.00
C LEU B 324 14.13 24.36 -15.59
N MET B 325 13.08 25.17 -15.55
CA MET B 325 11.71 24.68 -15.20
C MET B 325 11.33 23.52 -16.12
N ARG B 326 11.56 23.65 -17.43
N ARG B 326 11.55 23.63 -17.44
CA ARG B 326 11.15 22.65 -18.45
CA ARG B 326 11.11 22.62 -18.44
C ARG B 326 11.87 21.33 -18.19
C ARG B 326 11.88 21.32 -18.20
N ARG B 327 13.17 21.42 -17.85
CA ARG B 327 14.02 20.24 -17.54
C ARG B 327 13.58 19.58 -16.23
N MET B 328 13.10 20.36 -15.26
CA MET B 328 12.55 19.80 -13.99
C MET B 328 11.19 19.14 -14.25
N LEU B 329 10.50 19.52 -15.33
CA LEU B 329 9.13 19.06 -15.66
C LEU B 329 9.21 18.12 -16.86
N GLU B 330 10.31 17.40 -16.98
CA GLU B 330 10.48 16.34 -17.97
C GLU B 330 9.59 15.14 -17.55
N PHE B 331 8.71 14.67 -18.44
CA PHE B 331 7.82 13.52 -18.14
C PHE B 331 8.58 12.33 -17.58
N ASP B 332 9.65 11.95 -18.26
CA ASP B 332 10.39 10.73 -17.93
C ASP B 332 11.25 11.04 -16.73
N PRO B 333 11.03 10.44 -15.55
CA PRO B 333 11.89 10.73 -14.41
C PRO B 333 13.37 10.32 -14.62
N ALA B 334 13.66 9.40 -15.55
CA ALA B 334 15.06 9.01 -15.86
C ALA B 334 15.77 10.12 -16.66
N GLN B 335 15.05 10.97 -17.38
CA GLN B 335 15.65 12.03 -18.22
C GLN B 335 15.56 13.36 -17.47
N ARG B 336 14.78 13.43 -16.40
CA ARG B 336 14.61 14.67 -15.60
C ARG B 336 15.98 15.16 -15.13
N ILE B 337 16.21 16.47 -15.15
CA ILE B 337 17.47 17.07 -14.57
C ILE B 337 17.57 16.61 -13.12
N THR B 338 18.76 16.32 -12.65
CA THR B 338 18.99 16.09 -11.22
C THR B 338 19.30 17.43 -10.55
N LEU B 339 19.29 17.47 -9.23
CA LEU B 339 19.48 18.78 -8.56
C LEU B 339 20.96 19.15 -8.66
N ALA B 340 21.88 18.18 -8.62
CA ALA B 340 23.31 18.39 -8.85
C ALA B 340 23.49 19.10 -10.19
N GLU B 341 22.74 18.71 -11.20
CA GLU B 341 22.85 19.35 -12.54
C GLU B 341 22.20 20.74 -12.50
N ALA B 342 21.02 20.86 -11.89
CA ALA B 342 20.27 22.12 -11.79
C ALA B 342 21.18 23.18 -11.16
N LEU B 343 21.99 22.79 -10.18
CA LEU B 343 22.81 23.77 -9.43
C LEU B 343 23.86 24.39 -10.35
N LEU B 344 24.19 23.71 -11.46
CA LEU B 344 25.16 24.24 -12.46
C LEU B 344 24.43 24.94 -13.62
N HIS B 345 23.10 24.94 -13.68
CA HIS B 345 22.37 25.61 -14.80
C HIS B 345 22.74 27.09 -14.88
N PRO B 346 22.90 27.67 -16.09
CA PRO B 346 23.19 29.10 -16.28
C PRO B 346 22.23 30.12 -15.60
N PHE B 347 21.03 29.68 -15.27
CA PHE B 347 20.09 30.49 -14.47
C PHE B 347 20.79 30.98 -13.20
N PHE B 348 21.56 30.14 -12.51
CA PHE B 348 22.14 30.52 -11.20
C PHE B 348 23.28 31.53 -11.31
N ALA B 349 23.69 31.93 -12.52
CA ALA B 349 24.77 32.94 -12.68
C ALA B 349 24.20 34.29 -12.21
N GLY B 350 22.87 34.44 -12.22
CA GLY B 350 22.22 35.68 -11.78
C GLY B 350 22.25 35.89 -10.27
N LEU B 351 22.65 34.89 -9.47
CA LEU B 351 22.76 35.05 -8.00
C LEU B 351 23.81 36.10 -7.72
N THR B 352 23.61 36.89 -6.68
CA THR B 352 24.65 37.76 -6.08
C THR B 352 25.65 36.85 -5.37
N PRO B 353 26.89 37.32 -5.15
CA PRO B 353 27.86 36.55 -4.36
C PRO B 353 27.31 36.04 -3.03
N GLU B 354 26.57 36.93 -2.33
CA GLU B 354 26.04 36.71 -0.96
C GLU B 354 25.06 35.55 -1.02
N GLU B 355 24.13 35.62 -1.98
CA GLU B 355 23.13 34.55 -2.27
C GLU B 355 23.86 33.22 -2.53
N ARG B 356 24.94 33.21 -3.32
CA ARG B 356 25.65 31.96 -3.74
C ARG B 356 26.38 31.33 -2.54
N SER B 357 26.91 32.17 -1.62
CA SER B 357 27.92 31.83 -0.58
C SER B 357 27.21 31.26 0.67
C1 EDO C . -32.11 -9.13 14.27
O1 EDO C . -32.67 -9.54 15.51
C2 EDO C . -32.32 -10.07 13.11
O2 EDO C . -33.69 -10.34 12.76
C1 EDO D . -28.12 -11.25 22.09
O1 EDO D . -28.94 -11.53 20.97
C2 EDO D . -28.67 -11.80 23.35
O2 EDO D . -27.76 -12.58 24.14
C1 EDO E . -22.60 -3.98 -4.64
O1 EDO E . -23.09 -4.10 -5.96
C2 EDO E . -22.32 -2.57 -4.24
O2 EDO E . -22.14 -2.45 -2.85
C1 EDO F . 7.75 -0.18 -2.83
O1 EDO F . 8.88 -0.08 -1.97
C2 EDO F . 7.43 -1.56 -3.23
O2 EDO F . 7.57 -2.48 -2.15
C1 EDO G . -4.99 -8.71 -0.12
O1 EDO G . -4.12 -8.65 1.00
C2 EDO G . -4.72 -7.75 -1.20
O2 EDO G . -5.57 -7.83 -2.32
C1 EDO H . 6.97 -21.08 -17.02
O1 EDO H . 6.55 -22.44 -17.03
C2 EDO H . 5.95 -20.16 -17.55
O2 EDO H . 5.36 -20.58 -18.77
C1 EDO I . 13.83 -22.61 -14.09
O1 EDO I . 14.33 -21.30 -14.23
C2 EDO I . 13.53 -22.92 -12.67
O2 EDO I . 14.69 -23.04 -11.86
C1 EDO J . 12.57 -35.49 6.58
O1 EDO J . 13.26 -34.60 5.70
C2 EDO J . 11.13 -35.69 6.21
O2 EDO J . 10.73 -37.03 6.01
C1 EDO K . 22.32 -17.08 -2.30
O1 EDO K . 21.31 -17.37 -3.27
C2 EDO K . 21.75 -16.61 -1.00
O2 EDO K . 22.22 -17.30 0.16
CL CL L . 13.13 -1.86 6.03
P PO4 M . -12.05 -2.33 15.01
O1 PO4 M . -13.01 -1.22 14.59
O2 PO4 M . -11.41 -2.93 13.71
O3 PO4 M . -12.78 -3.45 15.74
O4 PO4 M . -10.94 -1.76 15.89
C1 EAE N . -17.33 -19.35 8.52
C2 EAE N . -17.17 -20.16 7.26
C11 EAE N . -19.65 -24.25 5.39
C12 EAE N . -18.91 -21.62 5.20
C13 EAE N . -18.44 -20.31 5.09
C14 EAE N . -16.50 -17.45 6.29
C15 EAE N . -16.12 -16.15 5.84
C16 EAE N . -15.21 -15.34 6.71
N3 EAE N . -17.69 -19.56 6.01
C4 EAE N . -17.34 -18.31 5.59
S5 EAE N . -17.97 -17.99 3.99
C6 EAE N . -18.67 -19.60 3.91
C7 EAE N . -19.32 -20.20 2.83
C8 EAE N . -19.76 -21.51 2.93
C9 EAE N . -19.54 -22.21 4.11
O10 EAE N . -19.90 -23.54 4.17
O17 EAE N . -16.50 -15.68 4.75
P PO4 O . -8.87 10.22 13.60
O1 PO4 O . -10.25 9.90 13.05
O2 PO4 O . -7.81 9.92 12.54
O3 PO4 O . -8.80 11.71 13.98
O4 PO4 O . -8.59 9.38 14.83
C1 EDO P . -7.47 1.91 -9.68
O1 EDO P . -7.20 3.11 -8.94
C2 EDO P . -8.85 1.68 -10.22
O2 EDO P . -8.79 1.18 -11.54
C1 EDO Q . -9.25 7.14 -11.55
O1 EDO Q . -9.84 6.01 -12.13
C2 EDO Q . -9.60 8.38 -12.29
O2 EDO Q . -9.35 9.58 -11.57
C1 EDO R . -4.98 12.88 -4.10
O1 EDO R . -5.06 11.57 -4.61
C2 EDO R . -5.06 12.93 -2.63
O2 EDO R . -3.80 13.13 -1.98
C1 EDO S . -2.43 30.03 -5.59
O1 EDO S . -1.00 29.87 -5.50
C2 EDO S . -3.18 28.91 -6.22
O2 EDO S . -3.51 29.07 -7.62
C1 EDO T . -1.82 26.58 -16.35
O1 EDO T . -2.67 25.46 -16.49
C2 EDO T . -2.52 27.71 -15.71
O2 EDO T . -2.31 27.70 -14.32
C1 EDO U . 7.53 9.15 -27.21
O1 EDO U . 7.03 7.91 -27.62
C2 EDO U . 6.59 10.23 -27.58
O2 EDO U . 6.94 11.46 -26.97
C1 EDO V . 20.72 28.30 -20.93
O1 EDO V . 21.12 29.56 -21.41
C2 EDO V . 19.26 28.11 -20.85
O2 EDO V . 18.55 28.64 -21.95
C1 EDO W . 19.64 13.67 -16.29
O1 EDO W . 20.46 12.91 -15.41
C2 EDO W . 19.72 13.20 -17.70
O2 EDO W . 18.93 13.97 -18.60
C1 EDO X . 5.60 23.37 8.19
O1 EDO X . 5.41 24.68 8.70
C2 EDO X . 4.64 23.06 7.10
O2 EDO X . 3.89 24.19 6.68
C1 GOL Y . 0.19 -0.58 -0.52
O1 GOL Y . 0.64 -1.72 0.21
C2 GOL Y . 1.24 0.51 -0.58
O2 GOL Y . 1.40 1.13 0.70
C3 GOL Y . 0.91 1.57 -1.60
O3 GOL Y . 0.14 2.62 -1.02
C1 EAE Z . 2.56 25.14 12.32
C2 EAE Z . 3.74 25.23 11.36
C11 EAE Z . 7.10 29.07 12.23
C12 EAE Z . 6.49 26.39 12.14
C13 EAE Z . 6.16 25.04 12.06
C14 EAE Z . 3.88 22.31 11.30
C15 EAE Z . 3.90 20.87 11.23
C16 EAE Z . 2.64 20.18 10.77
N3 EAE Z . 4.94 24.45 11.73
C4 EAE Z . 4.95 23.09 11.68
S5 EAE Z . 6.56 22.48 12.02
C6 EAE Z . 7.18 24.09 12.24
C7 EAE Z . 8.49 24.48 12.53
C8 EAE Z . 8.80 25.83 12.59
C9 EAE Z . 7.80 26.78 12.39
O10 EAE Z . 8.14 28.11 12.47
O17 EAE Z . 4.89 20.19 11.57
#